data_3HN8
#
_entry.id   3HN8
#
_cell.length_a   205.675
_cell.length_b   205.675
_cell.length_c   143.125
_cell.angle_alpha   90.000
_cell.angle_beta   90.000
_cell.angle_gamma   90.000
#
_symmetry.space_group_name_H-M   'P 41 21 2'
#
loop_
_entity.id
_entity.type
_entity.pdbx_description
1 polymer Synaptotagmin-3
2 non-polymer 'CALCIUM ION'
3 non-polymer 'ZINC ION'
#
_entity_poly.entity_id   1
_entity_poly.type   'polypeptide(L)'
_entity_poly.pdbx_seq_one_letter_code
;GEAGAPCGRISFALRYLYGSDQLVVRILQALDLPAKDSNGFSDPYVKIYLLPDRKKKFQTKVHRKTLNPIFNETFQFSVP
LAELAQRKLHFSVYDFDRFSRHDLIGQVVLDNLLELAEQPPDRPLWRDILEGGSEKADLGELNFSLCYLPTAGLLTVTII
KASNLKAMDLTGFSDPYVKASLISEGRRLKKRKTSIKKNTLNPTYNEALVFDVAPESVENVGLSIAVVDYDCIGHNEVIG
VCRVGPEAADPHGREHWAEMLANPRKPVEHWHQLVEEKTLSSFTKGGKGLSEKENS
;
_entity_poly.pdbx_strand_id   A,B,C
#
# COMPACT_ATOMS: atom_id res chain seq x y z
N GLY A 4 -0.07 -9.52 3.91
CA GLY A 4 0.25 -8.92 5.20
C GLY A 4 -0.89 -8.10 5.75
N ALA A 5 -1.25 -8.35 7.00
CA ALA A 5 -2.42 -7.71 7.60
C ALA A 5 -2.24 -6.21 7.88
N PRO A 6 -1.23 -5.85 8.70
CA PRO A 6 -1.05 -4.43 9.00
C PRO A 6 -0.59 -3.62 7.79
N CYS A 7 -0.66 -4.23 6.60
CA CYS A 7 -0.21 -3.58 5.37
C CYS A 7 -1.35 -2.90 4.61
N GLY A 8 -1.44 -1.58 4.73
CA GLY A 8 -2.47 -0.82 4.04
C GLY A 8 -2.25 -0.86 2.55
N ARG A 9 -3.34 -0.78 1.78
CA ARG A 9 -3.25 -0.86 0.33
C ARG A 9 -4.32 -0.02 -0.36
N ILE A 10 -4.09 0.27 -1.64
CA ILE A 10 -4.96 1.15 -2.40
C ILE A 10 -5.25 0.57 -3.79
N SER A 11 -6.46 0.82 -4.29
CA SER A 11 -6.90 0.22 -5.54
C SER A 11 -7.30 1.28 -6.54
N PHE A 12 -7.19 0.94 -7.82
CA PHE A 12 -7.49 1.86 -8.89
C PHE A 12 -7.58 1.13 -10.22
N ALA A 13 -7.80 1.91 -11.28
CA ALA A 13 -7.86 1.36 -12.63
C ALA A 13 -7.35 2.42 -13.58
N LEU A 14 -6.78 1.99 -14.69
CA LEU A 14 -6.27 2.93 -15.68
C LEU A 14 -6.31 2.35 -17.09
N ARG A 15 -6.68 3.20 -18.04
CA ARG A 15 -6.70 2.83 -19.44
C ARG A 15 -6.04 3.96 -20.23
N TYR A 16 -5.55 3.63 -21.42
CA TYR A 16 -4.82 4.60 -22.22
C TYR A 16 -5.47 4.81 -23.57
N LEU A 17 -6.21 5.90 -23.71
CA LEU A 17 -6.85 6.23 -24.95
C LEU A 17 -5.80 6.64 -25.96
N TYR A 18 -5.52 5.78 -26.93
CA TYR A 18 -4.67 6.17 -28.04
C TYR A 18 -5.47 7.18 -28.85
N GLY A 19 -4.89 7.70 -29.92
CA GLY A 19 -5.62 8.59 -30.80
C GLY A 19 -6.01 9.90 -30.15
N SER A 20 -5.65 10.04 -28.88
CA SER A 20 -5.81 11.29 -28.16
C SER A 20 -4.65 11.37 -27.18
N ASP A 21 -3.74 10.41 -27.31
CA ASP A 21 -2.57 10.28 -26.45
C ASP A 21 -2.87 10.72 -25.03
N GLN A 22 -3.58 9.87 -24.29
CA GLN A 22 -4.04 10.23 -22.96
C GLN A 22 -4.08 9.05 -21.99
N LEU A 23 -3.20 9.08 -21.00
CA LEU A 23 -3.20 8.10 -19.93
C LEU A 23 -4.23 8.52 -18.88
N VAL A 24 -5.26 7.70 -18.69
CA VAL A 24 -6.29 8.00 -17.68
C VAL A 24 -6.11 7.14 -16.43
N VAL A 25 -6.34 7.74 -15.26
CA VAL A 25 -6.16 7.05 -13.99
C VAL A 25 -7.29 7.32 -13.01
N ARG A 26 -8.02 6.27 -12.64
CA ARG A 26 -9.05 6.37 -11.61
C ARG A 26 -8.53 5.83 -10.29
N ILE A 27 -8.42 6.69 -9.29
CA ILE A 27 -8.14 6.22 -7.93
C ILE A 27 -9.45 5.78 -7.28
N LEU A 28 -9.55 4.51 -6.95
CA LEU A 28 -10.79 3.97 -6.41
C LEU A 28 -10.91 4.13 -4.90
N GLN A 29 -10.27 3.23 -4.15
CA GLN A 29 -10.34 3.29 -2.69
C GLN A 29 -9.14 2.63 -2.03
N ALA A 30 -8.85 3.07 -0.81
CA ALA A 30 -7.80 2.46 0.00
C ALA A 30 -8.42 1.65 1.14
N LEU A 31 -7.61 0.79 1.74
CA LEU A 31 -8.06 -0.04 2.85
C LEU A 31 -6.98 -0.13 3.94
N ASP A 32 -7.41 -0.24 5.19
CA ASP A 32 -6.50 -0.47 6.30
C ASP A 32 -5.35 0.53 6.35
N LEU A 33 -5.65 1.79 6.01
CA LEU A 33 -4.67 2.86 6.13
C LEU A 33 -4.19 3.02 7.57
N PRO A 34 -2.94 3.47 7.73
CA PRO A 34 -2.37 3.78 9.05
C PRO A 34 -2.97 5.05 9.65
N ALA A 35 -3.24 5.05 10.94
CA ALA A 35 -3.73 6.25 11.60
C ALA A 35 -2.59 7.23 11.80
N LYS A 36 -2.88 8.52 11.71
CA LYS A 36 -1.87 9.54 11.91
C LYS A 36 -2.39 10.60 12.87
N ASP A 37 -3.69 10.59 13.10
CA ASP A 37 -4.31 11.47 14.08
C ASP A 37 -4.36 10.78 15.44
N SER A 38 -4.33 11.58 16.50
CA SER A 38 -4.44 11.05 17.85
C SER A 38 -5.81 10.39 18.07
N ASN A 39 -6.74 10.66 17.15
CA ASN A 39 -8.10 10.11 17.26
C ASN A 39 -8.21 8.68 16.74
N GLY A 40 -7.08 8.12 16.30
CA GLY A 40 -7.05 6.76 15.79
C GLY A 40 -7.45 6.62 14.32
N PHE A 41 -7.46 7.74 13.61
CA PHE A 41 -7.85 7.75 12.21
C PHE A 41 -6.85 8.54 11.39
N SER A 42 -7.28 8.96 10.21
CA SER A 42 -6.48 9.82 9.34
C SER A 42 -7.41 10.58 8.41
N ASP A 43 -6.96 11.73 7.94
CA ASP A 43 -7.70 12.50 6.95
C ASP A 43 -6.96 12.40 5.62
N PRO A 44 -7.04 11.23 4.96
CA PRO A 44 -6.21 10.92 3.80
C PRO A 44 -6.61 11.66 2.52
N TYR A 45 -5.58 11.99 1.73
CA TYR A 45 -5.73 12.48 0.38
C TYR A 45 -4.45 12.04 -0.33
N VAL A 46 -4.47 11.97 -1.65
CA VAL A 46 -3.31 11.43 -2.35
C VAL A 46 -2.76 12.33 -3.47
N LYS A 47 -1.50 12.71 -3.33
CA LYS A 47 -0.78 13.44 -4.36
C LYS A 47 -0.40 12.48 -5.48
N ILE A 48 -0.40 12.98 -6.71
CA ILE A 48 -0.10 12.14 -7.87
C ILE A 48 0.96 12.77 -8.76
N TYR A 49 2.00 12.01 -9.07
CA TYR A 49 3.05 12.50 -9.94
C TYR A 49 3.20 11.55 -11.11
N LEU A 50 3.80 12.05 -12.19
CA LEU A 50 4.11 11.21 -13.34
C LEU A 50 5.57 11.42 -13.74
N LEU A 51 6.44 10.63 -13.13
CA LEU A 51 7.89 10.79 -13.25
C LEU A 51 8.33 10.75 -14.70
N PRO A 52 9.49 11.36 -14.99
CA PRO A 52 10.32 12.07 -14.00
C PRO A 52 9.80 13.46 -13.67
N ASP A 53 8.66 13.85 -14.25
CA ASP A 53 8.08 15.16 -13.96
C ASP A 53 7.79 15.28 -12.45
N ARG A 54 8.58 16.10 -11.77
CA ARG A 54 8.51 16.19 -10.31
C ARG A 54 7.38 17.08 -9.80
N LYS A 55 7.07 18.14 -10.55
CA LYS A 55 6.00 19.05 -10.18
C LYS A 55 4.62 18.46 -10.48
N LYS A 56 4.40 18.22 -11.76
CA LYS A 56 3.12 17.75 -12.33
C LYS A 56 2.28 16.90 -11.39
N LYS A 57 1.57 17.54 -10.47
CA LYS A 57 0.74 16.80 -9.53
C LYS A 57 -0.76 17.11 -9.58
N PHE A 58 -1.57 16.07 -9.40
CA PHE A 58 -2.98 16.22 -9.09
C PHE A 58 -3.19 15.87 -7.62
N GLN A 59 -4.29 16.33 -7.05
CA GLN A 59 -4.64 15.96 -5.68
C GLN A 59 -6.10 15.52 -5.59
N THR A 60 -6.34 14.48 -4.79
CA THR A 60 -7.69 14.02 -4.52
C THR A 60 -8.33 14.92 -3.47
N LYS A 61 -9.64 14.84 -3.34
CA LYS A 61 -10.33 15.51 -2.25
C LYS A 61 -9.76 14.97 -0.94
N VAL A 62 -10.00 15.68 0.15
CA VAL A 62 -9.42 15.28 1.44
C VAL A 62 -10.43 14.60 2.35
N HIS A 63 -10.61 13.30 2.19
CA HIS A 63 -11.54 12.54 3.03
C HIS A 63 -11.10 12.56 4.49
N ARG A 64 -11.93 13.12 5.37
CA ARG A 64 -11.59 13.21 6.79
C ARG A 64 -12.12 12.04 7.63
N LYS A 65 -11.44 11.77 8.74
CA LYS A 65 -11.71 10.64 9.63
C LYS A 65 -12.10 9.33 8.96
N THR A 66 -11.11 8.63 8.42
CA THR A 66 -11.32 7.29 7.87
C THR A 66 -9.99 6.63 7.51
N LEU A 67 -9.91 5.32 7.70
CA LEU A 67 -8.73 4.56 7.32
C LEU A 67 -8.96 3.78 6.03
N ASN A 68 -10.14 3.99 5.43
CA ASN A 68 -10.51 3.30 4.20
C ASN A 68 -11.28 4.20 3.25
N PRO A 69 -10.64 5.31 2.85
CA PRO A 69 -11.27 6.31 1.97
C PRO A 69 -11.76 5.70 0.67
N ILE A 70 -12.77 6.32 0.06
CA ILE A 70 -13.24 5.92 -1.25
C ILE A 70 -13.19 7.13 -2.15
N PHE A 71 -12.07 7.27 -2.86
CA PHE A 71 -11.78 8.48 -3.63
C PHE A 71 -12.68 8.67 -4.86
N ASN A 72 -12.73 7.66 -5.72
CA ASN A 72 -13.55 7.71 -6.93
C ASN A 72 -13.28 8.90 -7.83
N GLU A 73 -12.02 9.37 -7.84
CA GLU A 73 -11.62 10.46 -8.72
C GLU A 73 -10.78 9.97 -9.90
N THR A 74 -10.85 10.70 -11.01
CA THR A 74 -10.15 10.31 -12.23
C THR A 74 -9.25 11.44 -12.72
N PHE A 75 -8.18 11.08 -13.42
CA PHE A 75 -7.20 12.07 -13.85
C PHE A 75 -6.64 11.72 -15.22
N GLN A 76 -6.49 12.73 -16.07
CA GLN A 76 -5.99 12.53 -17.42
C GLN A 76 -4.59 13.09 -17.60
N PHE A 77 -3.75 12.36 -18.33
CA PHE A 77 -2.38 12.75 -18.58
C PHE A 77 -2.10 12.71 -20.07
N SER A 78 -1.39 13.72 -20.58
CA SER A 78 -1.05 13.74 -21.99
C SER A 78 0.36 13.16 -22.25
N VAL A 79 0.39 11.90 -22.69
CA VAL A 79 1.65 11.22 -22.92
C VAL A 79 1.60 10.46 -24.25
N PRO A 80 2.59 10.71 -25.12
CA PRO A 80 2.71 9.97 -26.38
C PRO A 80 2.94 8.49 -26.07
N LEU A 81 2.43 7.62 -26.93
CA LEU A 81 2.58 6.18 -26.71
C LEU A 81 4.05 5.82 -26.57
N ALA A 82 4.91 6.50 -27.33
CA ALA A 82 6.33 6.22 -27.32
C ALA A 82 6.95 6.44 -25.93
N GLU A 83 6.33 7.28 -25.11
CA GLU A 83 6.88 7.65 -23.82
C GLU A 83 6.40 6.80 -22.63
N LEU A 84 5.28 6.12 -22.79
CA LEU A 84 4.70 5.38 -21.67
C LEU A 84 5.68 4.44 -20.99
N ALA A 85 6.56 3.82 -21.75
CA ALA A 85 7.55 2.91 -21.20
C ALA A 85 8.54 3.64 -20.31
N GLN A 86 9.05 4.76 -20.82
CA GLN A 86 10.03 5.57 -20.10
C GLN A 86 9.36 6.41 -19.00
N ARG A 87 8.30 5.89 -18.40
CA ARG A 87 7.49 6.70 -17.52
C ARG A 87 6.97 5.89 -16.33
N LYS A 88 6.73 6.58 -15.21
CA LYS A 88 6.23 5.96 -13.99
C LYS A 88 5.17 6.85 -13.34
N LEU A 89 4.11 6.23 -12.84
CA LEU A 89 3.16 6.95 -11.99
C LEU A 89 3.67 6.84 -10.56
N HIS A 90 3.30 7.82 -9.72
CA HIS A 90 3.78 7.82 -8.34
C HIS A 90 2.78 8.48 -7.40
N PHE A 91 2.14 7.68 -6.54
CA PHE A 91 1.17 8.22 -5.59
C PHE A 91 1.76 8.45 -4.20
N SER A 92 1.51 9.62 -3.65
CA SER A 92 1.88 9.92 -2.27
C SER A 92 0.62 10.08 -1.42
N VAL A 93 0.37 9.13 -0.52
CA VAL A 93 -0.77 9.22 0.38
C VAL A 93 -0.42 10.00 1.64
N TYR A 94 -1.23 11.01 1.94
CA TYR A 94 -0.98 11.90 3.07
C TYR A 94 -2.20 12.02 3.98
N ASP A 95 -1.95 12.20 5.27
CA ASP A 95 -2.99 12.64 6.18
C ASP A 95 -2.96 14.16 6.23
N PHE A 96 -4.12 14.78 6.01
CA PHE A 96 -4.23 16.23 6.07
C PHE A 96 -4.30 16.69 7.52
N ASP A 97 -3.65 17.81 7.83
CA ASP A 97 -3.62 18.32 9.19
C ASP A 97 -3.78 19.83 9.27
N ARG A 98 -4.54 20.27 10.26
CA ARG A 98 -4.77 21.69 10.48
C ARG A 98 -3.61 22.30 11.27
N PHE A 99 -3.37 21.73 12.45
CA PHE A 99 -2.40 22.29 13.41
C PHE A 99 -1.00 21.71 13.30
N SER A 100 -0.77 20.88 12.29
CA SER A 100 0.54 20.24 12.15
C SER A 100 0.92 19.91 10.72
N ARG A 101 2.22 19.78 10.49
CA ARG A 101 2.74 19.37 9.20
C ARG A 101 2.00 18.13 8.75
N HIS A 102 1.51 18.13 7.51
CA HIS A 102 0.74 16.99 6.99
C HIS A 102 1.55 15.69 7.09
N ASP A 103 0.91 14.65 7.61
CA ASP A 103 1.59 13.39 7.85
C ASP A 103 1.57 12.46 6.64
N LEU A 104 2.75 12.00 6.23
CA LEU A 104 2.83 11.05 5.13
C LEU A 104 2.33 9.69 5.60
N ILE A 105 1.40 9.13 4.84
CA ILE A 105 0.87 7.80 5.11
C ILE A 105 1.71 6.75 4.40
N GLY A 106 2.02 7.02 3.13
CA GLY A 106 2.83 6.11 2.35
C GLY A 106 2.89 6.49 0.88
N GLN A 107 3.58 5.66 0.09
CA GLN A 107 3.74 5.91 -1.34
C GLN A 107 3.59 4.63 -2.13
N VAL A 108 3.19 4.75 -3.40
CA VAL A 108 3.17 3.61 -4.32
C VAL A 108 3.73 4.01 -5.68
N VAL A 109 4.52 3.11 -6.26
CA VAL A 109 5.08 3.33 -7.59
C VAL A 109 4.41 2.41 -8.59
N LEU A 110 3.92 2.97 -9.69
CA LEU A 110 3.36 2.14 -10.76
C LEU A 110 4.35 1.93 -11.89
N ASP A 111 4.81 0.70 -12.01
CA ASP A 111 5.82 0.31 -12.98
C ASP A 111 5.23 0.44 -14.38
N ASN A 112 5.99 0.02 -15.38
CA ASN A 112 5.58 0.20 -16.77
C ASN A 112 4.07 0.34 -16.93
N LEU A 113 3.66 1.57 -17.25
CA LEU A 113 2.24 1.91 -17.29
C LEU A 113 1.50 1.21 -18.42
N LEU A 114 2.18 1.04 -19.56
CA LEU A 114 1.54 0.48 -20.74
C LEU A 114 0.79 -0.80 -20.42
N GLU A 115 1.50 -1.77 -19.83
CA GLU A 115 0.93 -3.08 -19.57
C GLU A 115 -0.25 -3.06 -18.60
N LEU A 116 -0.18 -2.21 -17.57
CA LEU A 116 -1.27 -2.10 -16.60
C LEU A 116 -2.56 -1.63 -17.26
N ALA A 117 -2.45 -0.65 -18.15
CA ALA A 117 -3.61 -0.07 -18.81
C ALA A 117 -4.18 -0.99 -19.88
N GLU A 118 -3.30 -1.59 -20.66
CA GLU A 118 -3.70 -2.32 -21.87
C GLU A 118 -4.79 -3.35 -21.61
N GLN A 119 -4.91 -3.81 -20.37
CA GLN A 119 -5.99 -4.72 -19.97
C GLN A 119 -5.86 -5.18 -18.52
N PRO A 120 -7.00 -5.52 -17.87
CA PRO A 120 -8.37 -5.45 -18.38
C PRO A 120 -9.11 -4.20 -17.89
N PRO A 121 -10.42 -4.11 -18.14
CA PRO A 121 -11.21 -2.95 -17.71
C PRO A 121 -12.29 -3.16 -16.66
N ASP A 122 -11.95 -2.74 -15.44
CA ASP A 122 -12.81 -2.73 -14.25
C ASP A 122 -12.76 -4.05 -13.48
N ARG A 123 -11.73 -4.83 -13.78
CA ARG A 123 -11.11 -5.67 -12.77
C ARG A 123 -10.00 -4.83 -12.13
N PRO A 124 -10.32 -4.12 -11.05
CA PRO A 124 -9.40 -3.21 -10.37
C PRO A 124 -8.12 -3.91 -9.91
N LEU A 125 -7.01 -3.18 -9.94
CA LEU A 125 -5.74 -3.70 -9.46
C LEU A 125 -5.32 -3.00 -8.17
N TRP A 126 -4.69 -3.75 -7.27
CA TRP A 126 -4.28 -3.21 -5.99
C TRP A 126 -2.76 -3.18 -5.85
N ARG A 127 -2.26 -2.18 -5.13
CA ARG A 127 -0.86 -2.15 -4.72
C ARG A 127 -0.82 -1.77 -3.25
N ASP A 128 0.12 -2.35 -2.52
CA ASP A 128 0.27 -2.03 -1.10
C ASP A 128 0.93 -0.67 -0.96
N ILE A 129 0.41 0.16 -0.07
CA ILE A 129 0.98 1.47 0.19
C ILE A 129 2.27 1.34 1.01
N LEU A 130 3.38 1.71 0.40
CA LEU A 130 4.69 1.55 1.03
C LEU A 130 4.93 2.54 2.17
N GLU A 131 4.69 2.09 3.40
CA GLU A 131 5.04 2.87 4.57
C GLU A 131 6.56 2.91 4.65
N GLY A 132 7.09 4.06 5.05
CA GLY A 132 8.52 4.24 5.14
C GLY A 132 8.88 5.72 5.06
N GLY A 133 9.76 6.14 5.95
CA GLY A 133 10.06 7.56 6.10
C GLY A 133 10.29 8.29 4.80
N SER A 134 9.67 9.45 4.67
CA SER A 134 9.90 10.31 3.54
C SER A 134 9.82 11.74 4.00
N GLU A 135 10.99 12.31 4.19
CA GLU A 135 11.11 13.70 4.52
C GLU A 135 11.06 14.43 3.20
N LYS A 136 11.33 15.73 3.21
CA LYS A 136 11.32 16.47 1.94
C LYS A 136 12.16 15.68 0.95
N ALA A 137 13.18 15.01 1.46
CA ALA A 137 14.08 14.23 0.62
C ALA A 137 13.83 12.75 0.81
N ASP A 138 13.22 12.14 -0.19
CA ASP A 138 12.94 10.72 -0.15
C ASP A 138 14.14 9.96 -0.70
N LEU A 139 14.44 8.83 -0.08
CA LEU A 139 15.60 8.03 -0.47
C LEU A 139 15.36 7.23 -1.76
N GLY A 140 14.12 6.81 -1.98
CA GLY A 140 13.77 6.12 -3.21
C GLY A 140 13.11 4.77 -2.98
N GLU A 141 12.53 4.21 -4.03
CA GLU A 141 11.96 2.87 -3.97
C GLU A 141 12.80 1.90 -4.79
N LEU A 142 12.89 0.65 -4.33
CA LEU A 142 13.68 -0.36 -5.02
C LEU A 142 12.82 -1.56 -5.38
N ASN A 143 12.89 -1.98 -6.64
CA ASN A 143 12.13 -3.13 -7.10
C ASN A 143 12.99 -4.36 -7.32
N PHE A 144 12.54 -5.50 -6.80
CA PHE A 144 13.27 -6.75 -6.98
C PHE A 144 12.37 -7.98 -6.82
N SER A 145 12.75 -9.07 -7.47
CA SER A 145 12.03 -10.34 -7.35
C SER A 145 12.58 -11.14 -6.18
N LEU A 146 12.12 -12.37 -6.04
CA LEU A 146 12.53 -13.22 -4.92
C LEU A 146 12.08 -14.65 -5.19
N CYS A 147 13.03 -15.54 -5.44
CA CYS A 147 12.69 -16.91 -5.87
C CYS A 147 13.57 -17.95 -5.18
N TYR A 148 12.92 -18.87 -4.45
CA TYR A 148 13.65 -19.90 -3.72
C TYR A 148 13.37 -21.31 -4.22
N LEU A 149 14.41 -21.97 -4.75
CA LEU A 149 14.30 -23.38 -5.13
C LEU A 149 14.67 -24.25 -3.94
N PRO A 150 13.67 -24.85 -3.28
CA PRO A 150 13.93 -25.65 -2.09
C PRO A 150 14.69 -26.93 -2.45
N THR A 151 14.38 -27.47 -3.62
CA THR A 151 15.02 -28.68 -4.11
C THR A 151 16.52 -28.53 -4.28
N ALA A 152 16.98 -27.28 -4.48
CA ALA A 152 18.37 -27.03 -4.80
C ALA A 152 19.03 -26.04 -3.86
N GLY A 153 18.23 -25.40 -3.03
CA GLY A 153 18.74 -24.45 -2.05
C GLY A 153 19.21 -23.13 -2.66
N LEU A 154 18.87 -22.90 -3.92
CA LEU A 154 19.16 -21.61 -4.55
C LEU A 154 18.10 -20.59 -4.16
N LEU A 155 18.52 -19.52 -3.49
CA LEU A 155 17.65 -18.36 -3.31
C LEU A 155 18.20 -17.22 -4.19
N THR A 156 17.34 -16.65 -5.02
CA THR A 156 17.79 -15.71 -6.04
C THR A 156 17.03 -14.39 -5.94
N VAL A 157 17.78 -13.30 -5.74
CA VAL A 157 17.20 -11.98 -5.48
C VAL A 157 16.74 -11.23 -6.73
N THR A 158 17.66 -10.98 -7.65
CA THR A 158 17.33 -10.29 -8.90
C THR A 158 16.86 -8.84 -8.70
N ILE A 159 17.82 -7.93 -8.61
CA ILE A 159 17.52 -6.51 -8.50
C ILE A 159 17.02 -6.01 -9.85
N ILE A 160 15.80 -5.46 -9.88
CA ILE A 160 15.20 -4.99 -11.12
C ILE A 160 15.48 -3.51 -11.42
N LYS A 161 15.06 -2.63 -10.52
CA LYS A 161 15.19 -1.20 -10.75
C LYS A 161 14.96 -0.38 -9.49
N ALA A 162 15.16 0.93 -9.60
CA ALA A 162 14.96 1.84 -8.49
C ALA A 162 14.33 3.14 -8.99
N SER A 163 13.57 3.80 -8.14
CA SER A 163 12.87 5.01 -8.54
C SER A 163 13.10 6.14 -7.55
N ASN A 164 13.22 7.35 -8.06
CA ASN A 164 13.32 8.53 -7.22
C ASN A 164 14.41 8.40 -6.16
N LEU A 165 15.51 7.73 -6.49
CA LEU A 165 16.66 7.65 -5.61
C LEU A 165 17.05 9.05 -5.13
N LYS A 166 17.83 9.12 -4.05
CA LYS A 166 18.31 10.39 -3.57
C LYS A 166 19.62 10.76 -4.27
N ALA A 167 19.70 12.00 -4.75
CA ALA A 167 20.94 12.49 -5.36
C ALA A 167 22.01 12.54 -4.28
N MET A 168 23.19 12.00 -4.60
CA MET A 168 24.22 11.84 -3.59
C MET A 168 25.53 12.51 -3.97
N ASP A 169 25.68 12.84 -5.25
CA ASP A 169 26.86 13.54 -5.75
C ASP A 169 26.60 15.02 -5.97
N LEU A 170 27.64 15.84 -5.90
CA LEU A 170 27.54 17.26 -6.25
C LEU A 170 27.20 17.44 -7.72
N THR A 171 27.66 16.49 -8.53
CA THR A 171 27.40 16.53 -9.97
C THR A 171 25.91 16.66 -10.26
N GLY A 172 25.09 15.99 -9.45
CA GLY A 172 23.65 16.13 -9.58
C GLY A 172 22.86 14.86 -9.36
N PHE A 173 23.55 13.72 -9.35
CA PHE A 173 22.87 12.45 -9.29
C PHE A 173 23.52 11.47 -8.33
N SER A 174 23.53 10.20 -8.72
CA SER A 174 24.16 9.15 -7.94
C SER A 174 24.63 8.07 -8.90
N ASP A 175 25.70 7.37 -8.53
CA ASP A 175 26.18 6.25 -9.33
C ASP A 175 25.87 4.96 -8.57
N PRO A 176 24.59 4.56 -8.57
CA PRO A 176 24.03 3.53 -7.70
C PRO A 176 24.41 2.11 -8.05
N TYR A 177 24.58 1.29 -7.02
CA TYR A 177 24.65 -0.15 -7.16
C TYR A 177 23.89 -0.74 -5.97
N VAL A 178 23.66 -2.04 -5.98
CA VAL A 178 22.83 -2.63 -4.93
C VAL A 178 23.54 -3.76 -4.19
N LYS A 179 23.59 -3.62 -2.87
CA LYS A 179 24.22 -4.63 -2.03
C LYS A 179 23.18 -5.46 -1.28
N ALA A 180 22.99 -6.70 -1.71
CA ALA A 180 22.14 -7.64 -0.99
C ALA A 180 23.01 -8.47 -0.07
N SER A 181 22.60 -8.60 1.19
CA SER A 181 23.38 -9.36 2.16
C SER A 181 22.52 -10.23 3.06
N LEU A 182 22.87 -11.51 3.12
CA LEU A 182 22.11 -12.50 3.86
C LEU A 182 22.19 -12.26 5.37
N ILE A 183 21.05 -12.33 6.04
CA ILE A 183 20.97 -12.06 7.47
C ILE A 183 20.21 -13.18 8.17
N SER A 184 20.80 -13.72 9.23
CA SER A 184 20.09 -14.67 10.07
C SER A 184 20.42 -14.39 11.53
N GLU A 185 19.40 -14.05 12.30
CA GLU A 185 19.55 -13.77 13.72
C GLU A 185 20.64 -12.73 14.00
N GLY A 186 20.51 -11.57 13.36
CA GLY A 186 21.38 -10.45 13.62
C GLY A 186 22.75 -10.53 12.98
N ARG A 187 23.16 -11.73 12.59
CA ARG A 187 24.47 -11.91 11.96
C ARG A 187 24.42 -11.76 10.45
N ARG A 188 25.39 -11.02 9.89
CA ARG A 188 25.54 -10.91 8.45
C ARG A 188 26.36 -12.08 7.91
N LEU A 189 25.76 -12.88 7.03
CA LEU A 189 26.35 -14.15 6.61
C LEU A 189 27.05 -14.13 5.25
N LYS A 190 26.51 -13.36 4.31
CA LYS A 190 27.05 -13.32 2.96
C LYS A 190 26.52 -12.12 2.17
N LYS A 191 27.43 -11.36 1.56
CA LYS A 191 27.02 -10.22 0.76
C LYS A 191 27.11 -10.53 -0.74
N ARG A 192 26.52 -9.64 -1.54
CA ARG A 192 26.54 -9.78 -3.00
C ARG A 192 26.17 -8.44 -3.63
N LYS A 193 27.01 -7.96 -4.56
CA LYS A 193 26.79 -6.67 -5.19
C LYS A 193 26.25 -6.80 -6.60
N THR A 194 25.76 -5.68 -7.14
CA THR A 194 25.34 -5.61 -8.54
C THR A 194 26.27 -4.71 -9.35
N SER A 195 25.92 -4.47 -10.60
CA SER A 195 26.66 -3.53 -11.44
C SER A 195 26.59 -2.13 -10.84
N ILE A 196 27.44 -1.23 -11.33
CA ILE A 196 27.57 0.10 -10.73
C ILE A 196 26.98 1.22 -11.59
N LYS A 197 25.84 0.96 -12.23
CA LYS A 197 25.19 1.92 -13.11
C LYS A 197 25.39 3.38 -12.69
N LYS A 198 25.99 4.18 -13.56
CA LYS A 198 26.44 5.52 -13.18
C LYS A 198 25.58 6.70 -13.65
N ASN A 199 25.55 7.73 -12.81
CA ASN A 199 24.91 9.01 -13.12
C ASN A 199 23.41 8.91 -13.43
N THR A 200 22.69 8.20 -12.58
CA THR A 200 21.25 8.07 -12.71
C THR A 200 20.61 8.05 -11.32
N LEU A 201 19.30 8.23 -11.27
CA LEU A 201 18.56 8.17 -10.02
C LEU A 201 17.40 7.22 -10.19
N ASN A 202 17.21 6.75 -11.42
CA ASN A 202 16.26 5.70 -11.72
C ASN A 202 16.95 4.59 -12.51
N PRO A 203 17.80 3.81 -11.82
CA PRO A 203 18.62 2.76 -12.44
C PRO A 203 17.78 1.54 -12.79
N THR A 204 18.25 0.77 -13.78
CA THR A 204 17.66 -0.52 -14.08
C THR A 204 18.77 -1.56 -14.13
N TYR A 205 18.58 -2.65 -13.40
CA TYR A 205 19.63 -3.64 -13.22
C TYR A 205 19.32 -4.96 -13.92
N ASN A 206 18.21 -5.59 -13.53
CA ASN A 206 17.85 -6.90 -14.03
C ASN A 206 18.96 -7.92 -13.82
N GLU A 207 19.72 -7.73 -12.75
CA GLU A 207 20.84 -8.61 -12.42
C GLU A 207 20.47 -9.52 -11.25
N ALA A 208 20.79 -10.80 -11.38
CA ALA A 208 20.42 -11.78 -10.36
C ALA A 208 21.52 -11.98 -9.33
N LEU A 209 21.16 -11.90 -8.06
CA LEU A 209 22.07 -12.23 -6.98
C LEU A 209 21.63 -13.54 -6.35
N VAL A 210 22.56 -14.47 -6.14
CA VAL A 210 22.20 -15.81 -5.72
C VAL A 210 22.90 -16.25 -4.42
N PHE A 211 22.18 -17.00 -3.60
CA PHE A 211 22.70 -17.43 -2.30
C PHE A 211 22.35 -18.88 -2.06
N ASP A 212 23.31 -19.64 -1.54
CA ASP A 212 23.06 -21.02 -1.14
C ASP A 212 22.44 -21.05 0.24
N VAL A 213 21.20 -21.56 0.32
CA VAL A 213 20.48 -21.62 1.59
C VAL A 213 19.68 -22.92 1.68
N ALA A 214 19.99 -23.72 2.69
CA ALA A 214 19.28 -24.98 2.90
C ALA A 214 17.80 -24.73 3.13
N PRO A 215 16.96 -25.71 2.75
CA PRO A 215 15.51 -25.61 2.95
C PRO A 215 15.13 -25.60 4.42
N GLU A 216 15.93 -26.26 5.26
CA GLU A 216 15.67 -26.29 6.69
C GLU A 216 16.12 -24.99 7.34
N SER A 217 16.43 -23.99 6.53
CA SER A 217 17.06 -22.76 7.02
C SER A 217 16.46 -21.47 6.47
N VAL A 218 15.85 -21.53 5.29
CA VAL A 218 15.26 -20.32 4.73
C VAL A 218 14.41 -19.63 5.78
N GLU A 219 13.45 -20.36 6.34
CA GLU A 219 12.54 -19.80 7.33
C GLU A 219 13.24 -18.90 8.36
N ASN A 220 14.50 -19.23 8.68
CA ASN A 220 15.24 -18.50 9.72
C ASN A 220 16.27 -17.51 9.20
N VAL A 221 16.45 -17.46 7.89
CA VAL A 221 17.34 -16.49 7.27
C VAL A 221 16.54 -15.34 6.63
N GLY A 222 17.25 -14.36 6.07
CA GLY A 222 16.61 -13.21 5.44
C GLY A 222 17.69 -12.34 4.82
N LEU A 223 17.31 -11.22 4.22
CA LEU A 223 18.33 -10.39 3.60
C LEU A 223 18.06 -8.89 3.67
N SER A 224 19.14 -8.13 3.82
CA SER A 224 19.11 -6.67 3.85
C SER A 224 19.66 -6.10 2.54
N ILE A 225 18.78 -5.58 1.71
CA ILE A 225 19.18 -4.93 0.46
C ILE A 225 19.41 -3.45 0.73
N ALA A 226 20.42 -2.88 0.08
CA ALA A 226 20.74 -1.47 0.25
C ALA A 226 21.31 -0.85 -1.02
N VAL A 227 20.64 0.18 -1.52
CA VAL A 227 21.13 0.94 -2.66
C VAL A 227 22.28 1.86 -2.21
N VAL A 228 23.39 1.83 -2.93
CA VAL A 228 24.58 2.58 -2.54
C VAL A 228 25.10 3.42 -3.69
N ASP A 229 25.40 4.68 -3.42
CA ASP A 229 26.06 5.53 -4.39
C ASP A 229 27.55 5.20 -4.40
N TYR A 230 28.07 4.83 -5.56
CA TYR A 230 29.50 4.62 -5.70
C TYR A 230 30.14 5.97 -5.56
N ASP A 231 31.42 5.99 -5.22
CA ASP A 231 32.16 7.25 -5.19
C ASP A 231 33.59 6.99 -5.61
N CYS A 232 34.22 5.98 -5.01
CA CYS A 232 35.56 5.57 -5.42
C CYS A 232 36.15 4.49 -4.54
N ILE A 233 37.32 4.00 -4.96
CA ILE A 233 38.22 3.17 -4.16
C ILE A 233 37.56 2.38 -3.02
N GLY A 234 37.06 3.09 -2.01
CA GLY A 234 36.39 2.47 -0.88
C GLY A 234 35.59 3.47 -0.07
N HIS A 235 35.17 4.56 -0.73
CA HIS A 235 34.46 5.63 -0.06
C HIS A 235 32.99 5.72 -0.44
N ASN A 236 32.40 4.61 -0.87
CA ASN A 236 31.00 4.61 -1.28
C ASN A 236 30.07 5.01 -0.15
N GLU A 237 29.09 5.84 -0.47
CA GLU A 237 28.13 6.30 0.53
C GLU A 237 26.71 5.76 0.26
N VAL A 238 26.09 5.19 1.29
CA VAL A 238 24.78 4.56 1.15
C VAL A 238 23.65 5.55 0.90
N ILE A 239 22.74 5.18 0.02
CA ILE A 239 21.55 5.97 -0.25
C ILE A 239 20.39 5.57 0.65
N GLY A 240 20.07 4.28 0.65
CA GLY A 240 18.96 3.77 1.42
C GLY A 240 19.01 2.26 1.61
N VAL A 241 18.16 1.73 2.48
CA VAL A 241 18.16 0.30 2.80
C VAL A 241 16.74 -0.24 2.88
N CYS A 242 16.61 -1.55 2.86
CA CYS A 242 15.32 -2.20 3.11
C CYS A 242 15.51 -3.64 3.57
N ARG A 243 14.68 -4.06 4.53
CA ARG A 243 14.73 -5.43 5.03
C ARG A 243 13.71 -6.33 4.33
N VAL A 244 13.98 -7.62 4.33
CA VAL A 244 13.05 -8.61 3.81
C VAL A 244 13.38 -9.97 4.43
N GLY A 245 12.36 -10.60 5.02
CA GLY A 245 12.55 -11.85 5.73
C GLY A 245 11.79 -11.78 7.04
N PRO A 246 11.83 -12.85 7.86
CA PRO A 246 11.21 -12.72 9.18
C PRO A 246 12.06 -11.74 9.95
N GLU A 247 11.64 -11.35 11.13
CA GLU A 247 12.44 -10.43 11.94
C GLU A 247 12.65 -9.13 11.16
N ALA A 248 11.69 -8.81 10.31
CA ALA A 248 11.74 -7.58 9.53
C ALA A 248 10.73 -6.57 10.06
N ALA A 249 11.19 -5.35 10.27
CA ALA A 249 10.36 -4.29 10.83
C ALA A 249 9.01 -4.18 10.11
N ASP A 250 9.07 -3.85 8.82
CA ASP A 250 7.87 -3.61 8.02
C ASP A 250 7.17 -4.91 7.62
N PRO A 251 5.88 -5.02 7.94
CA PRO A 251 5.07 -6.18 7.53
C PRO A 251 5.28 -6.50 6.06
N HIS A 252 5.21 -5.48 5.23
CA HIS A 252 5.42 -5.63 3.79
C HIS A 252 6.75 -6.30 3.50
N GLY A 253 7.73 -6.06 4.35
CA GLY A 253 9.05 -6.66 4.20
C GLY A 253 9.03 -8.17 4.41
N ARG A 254 8.33 -8.62 5.43
CA ARG A 254 8.29 -10.05 5.71
C ARG A 254 7.16 -10.77 4.99
N GLU A 255 6.17 -10.02 4.51
CA GLU A 255 5.11 -10.64 3.71
C GLU A 255 5.71 -11.08 2.38
N HIS A 256 6.74 -10.37 1.96
CA HIS A 256 7.40 -10.62 0.69
C HIS A 256 8.25 -11.89 0.78
N TRP A 257 8.92 -12.08 1.91
CA TRP A 257 9.70 -13.28 2.13
C TRP A 257 8.75 -14.43 2.43
N ALA A 258 7.61 -14.07 3.02
CA ALA A 258 6.60 -15.06 3.38
C ALA A 258 6.03 -15.70 2.12
N GLU A 259 5.76 -14.89 1.11
CA GLU A 259 5.19 -15.40 -0.13
C GLU A 259 6.26 -15.87 -1.11
N MET A 260 7.52 -15.67 -0.77
CA MET A 260 8.60 -16.25 -1.55
C MET A 260 8.58 -17.76 -1.33
N LEU A 261 8.56 -18.16 -0.06
CA LEU A 261 8.18 -19.52 0.29
C LEU A 261 6.68 -19.57 -0.01
N ALA A 262 6.11 -20.77 -0.09
CA ALA A 262 4.70 -20.92 -0.44
C ALA A 262 4.45 -20.79 -1.94
N ASN A 263 5.47 -20.29 -2.65
CA ASN A 263 5.46 -20.25 -4.10
C ASN A 263 6.84 -20.61 -4.60
N PRO A 264 7.28 -21.83 -4.29
CA PRO A 264 8.67 -22.30 -4.43
C PRO A 264 9.39 -21.70 -5.62
N ARG A 265 9.16 -22.27 -6.79
CA ARG A 265 9.95 -21.91 -7.96
C ARG A 265 9.37 -20.72 -8.74
N LYS A 266 8.63 -19.87 -8.05
CA LYS A 266 8.07 -18.66 -8.65
C LYS A 266 8.73 -17.42 -8.07
N PRO A 267 9.28 -16.56 -8.95
CA PRO A 267 9.82 -15.26 -8.53
C PRO A 267 8.69 -14.32 -8.15
N VAL A 268 8.78 -13.69 -6.98
CA VAL A 268 7.77 -12.70 -6.59
C VAL A 268 8.33 -11.27 -6.64
N GLU A 269 7.72 -10.45 -7.48
CA GLU A 269 8.13 -9.07 -7.63
C GLU A 269 7.41 -8.22 -6.58
N HIS A 270 8.12 -7.22 -6.07
CA HIS A 270 7.54 -6.28 -5.09
C HIS A 270 8.38 -5.02 -4.97
N TRP A 271 7.71 -3.89 -4.78
CA TRP A 271 8.41 -2.64 -4.49
C TRP A 271 8.61 -2.50 -2.98
N HIS A 272 9.71 -1.86 -2.59
CA HIS A 272 9.96 -1.61 -1.17
C HIS A 272 10.45 -0.18 -1.01
N GLN A 273 10.11 0.43 0.11
CA GLN A 273 10.59 1.78 0.41
C GLN A 273 12.00 1.73 1.00
N LEU A 274 12.93 2.47 0.40
CA LEU A 274 14.26 2.59 0.98
C LEU A 274 14.17 3.50 2.20
N VAL A 275 14.82 3.07 3.28
CA VAL A 275 14.69 3.76 4.56
C VAL A 275 16.06 4.05 5.12
N GLU A 276 16.15 5.07 5.96
CA GLU A 276 17.41 5.46 6.58
C GLU A 276 18.05 4.28 7.31
N GLU A 277 19.36 4.13 7.14
CA GLU A 277 20.11 3.01 7.71
C GLU A 277 19.90 2.88 9.23
N LYS A 278 19.75 4.02 9.90
CA LYS A 278 19.63 4.04 11.35
C LYS A 278 18.20 3.89 11.89
N THR A 279 17.49 2.89 11.39
CA THR A 279 16.18 2.53 11.93
C THR A 279 16.07 1.02 12.04
N LEU A 280 17.19 0.35 11.76
CA LEU A 280 17.35 -1.09 11.96
C LEU A 280 18.74 -1.26 12.58
N SER A 281 19.14 -2.50 12.86
CA SER A 281 20.49 -2.71 13.39
C SER A 281 20.95 -4.18 13.43
N SER A 282 21.84 -4.53 12.51
CA SER A 282 22.41 -5.88 12.47
C SER A 282 23.56 -6.02 13.48
N GLY B 4 -14.21 5.78 31.55
CA GLY B 4 -12.92 5.17 31.34
C GLY B 4 -12.80 3.83 32.05
N ALA B 5 -12.37 2.81 31.32
CA ALA B 5 -12.31 1.45 31.85
C ALA B 5 -11.25 1.24 32.93
N PRO B 6 -9.96 1.47 32.59
CA PRO B 6 -8.91 1.24 33.59
C PRO B 6 -8.98 2.25 34.75
N CYS B 7 -10.07 3.00 34.83
CA CYS B 7 -10.22 4.03 35.86
C CYS B 7 -11.00 3.53 37.07
N GLY B 8 -10.28 3.21 38.14
CA GLY B 8 -10.91 2.74 39.36
C GLY B 8 -11.73 3.83 40.01
N ARG B 9 -12.77 3.44 40.73
CA ARG B 9 -13.68 4.42 41.33
C ARG B 9 -14.29 3.92 42.64
N ILE B 10 -14.81 4.83 43.44
CA ILE B 10 -15.30 4.51 44.77
C ILE B 10 -16.65 5.20 45.00
N SER B 11 -17.52 4.55 45.77
CA SER B 11 -18.87 5.06 45.99
C SER B 11 -19.16 5.24 47.46
N PHE B 12 -20.07 6.15 47.75
CA PHE B 12 -20.43 6.46 49.13
C PHE B 12 -21.69 7.29 49.19
N ALA B 13 -22.07 7.68 50.40
CA ALA B 13 -23.22 8.52 50.61
C ALA B 13 -22.96 9.38 51.82
N LEU B 14 -23.55 10.56 51.86
CA LEU B 14 -23.37 11.44 53.00
C LEU B 14 -24.57 12.36 53.22
N ARG B 15 -24.93 12.53 54.48
CA ARG B 15 -26.01 13.44 54.87
C ARG B 15 -25.52 14.30 56.02
N TYR B 16 -26.16 15.45 56.20
CA TYR B 16 -25.71 16.38 57.23
C TYR B 16 -26.83 16.69 58.22
N LEU B 17 -26.76 16.06 59.38
CA LEU B 17 -27.73 16.28 60.43
C LEU B 17 -27.53 17.67 61.00
N TYR B 18 -28.43 18.59 60.68
CA TYR B 18 -28.43 19.89 61.34
C TYR B 18 -28.86 19.63 62.77
N GLY B 19 -28.93 20.68 63.58
CA GLY B 19 -29.42 20.54 64.94
C GLY B 19 -28.52 19.68 65.82
N SER B 20 -27.46 19.16 65.23
CA SER B 20 -26.43 18.44 65.96
C SER B 20 -25.12 18.72 65.26
N ASP B 21 -25.19 19.64 64.29
CA ASP B 21 -24.05 20.03 63.48
C ASP B 21 -23.10 18.87 63.24
N GLN B 22 -23.50 17.97 62.34
CA GLN B 22 -22.74 16.75 62.11
C GLN B 22 -22.80 16.27 60.67
N LEU B 23 -21.65 16.33 59.99
CA LEU B 23 -21.51 15.79 58.66
C LEU B 23 -21.23 14.30 58.76
N VAL B 24 -22.13 13.48 58.22
CA VAL B 24 -21.94 12.04 58.24
C VAL B 24 -21.51 11.50 56.88
N VAL B 25 -20.61 10.53 56.86
CA VAL B 25 -20.09 9.99 55.62
C VAL B 25 -19.97 8.48 55.64
N ARG B 26 -20.73 7.81 54.77
CA ARG B 26 -20.63 6.36 54.61
C ARG B 26 -19.79 6.02 53.38
N ILE B 27 -18.66 5.39 53.59
CA ILE B 27 -17.89 4.83 52.48
C ILE B 27 -18.46 3.46 52.13
N LEU B 28 -18.98 3.33 50.92
CA LEU B 28 -19.66 2.10 50.51
C LEU B 28 -18.71 1.05 49.94
N GLN B 29 -18.35 1.21 48.68
CA GLN B 29 -17.46 0.26 48.04
C GLN B 29 -16.69 0.86 46.86
N ALA B 30 -15.53 0.28 46.57
CA ALA B 30 -14.76 0.67 45.40
C ALA B 30 -14.82 -0.41 44.34
N LEU B 31 -14.44 -0.06 43.11
CA LEU B 31 -14.44 -0.99 41.99
C LEU B 31 -13.20 -0.80 41.12
N ASP B 32 -12.74 -1.90 40.53
CA ASP B 32 -11.64 -1.84 39.56
C ASP B 32 -10.42 -1.10 40.10
N LEU B 33 -10.13 -1.29 41.39
CA LEU B 33 -8.93 -0.72 41.99
C LEU B 33 -7.67 -1.25 41.30
N PRO B 34 -6.61 -0.43 41.29
CA PRO B 34 -5.29 -0.84 40.77
C PRO B 34 -4.60 -1.82 41.71
N ALA B 35 -3.95 -2.83 41.14
CA ALA B 35 -3.19 -3.78 41.95
C ALA B 35 -1.89 -3.13 42.39
N LYS B 36 -1.43 -3.46 43.59
CA LYS B 36 -0.19 -2.93 44.11
C LYS B 36 0.68 -4.05 44.65
N ASP B 37 0.06 -5.22 44.86
CA ASP B 37 0.78 -6.41 45.28
C ASP B 37 1.23 -7.21 44.07
N SER B 38 2.34 -7.93 44.22
CA SER B 38 2.83 -8.78 43.15
C SER B 38 1.83 -9.89 42.83
N ASN B 39 0.85 -10.08 43.71
CA ASN B 39 -0.13 -11.13 43.53
C ASN B 39 -1.29 -10.73 42.61
N GLY B 40 -1.21 -9.50 42.10
CA GLY B 40 -2.23 -8.99 41.18
C GLY B 40 -3.44 -8.39 41.87
N PHE B 41 -3.30 -8.11 43.15
CA PHE B 41 -4.38 -7.56 43.95
C PHE B 41 -3.89 -6.38 44.77
N SER B 42 -4.66 -6.03 45.80
CA SER B 42 -4.30 -4.98 46.73
C SER B 42 -5.00 -5.23 48.04
N ASP B 43 -4.43 -4.72 49.14
CA ASP B 43 -5.06 -4.79 50.44
C ASP B 43 -5.52 -3.38 50.81
N PRO B 44 -6.59 -2.90 50.17
CA PRO B 44 -7.01 -1.49 50.26
C PRO B 44 -7.64 -1.10 51.59
N TYR B 45 -7.35 0.14 52.00
CA TYR B 45 -8.02 0.80 53.11
C TYR B 45 -7.96 2.28 52.77
N VAL B 46 -8.82 3.09 53.36
CA VAL B 46 -8.88 4.50 52.96
C VAL B 46 -8.79 5.49 54.12
N LYS B 47 -7.77 6.34 54.05
CA LYS B 47 -7.60 7.45 54.99
C LYS B 47 -8.58 8.55 54.62
N ILE B 48 -9.08 9.26 55.64
CA ILE B 48 -10.08 10.30 55.41
C ILE B 48 -9.68 11.58 56.11
N TYR B 49 -9.67 12.68 55.37
CA TYR B 49 -9.36 13.97 55.95
C TYR B 49 -10.50 14.94 55.70
N LEU B 50 -10.56 16.00 56.49
CA LEU B 50 -11.55 17.05 56.26
C LEU B 50 -10.85 18.40 56.26
N LEU B 51 -10.39 18.81 55.09
CA LEU B 51 -9.54 19.99 54.92
C LEU B 51 -10.20 21.24 55.49
N PRO B 52 -9.39 22.23 55.86
CA PRO B 52 -7.93 22.19 55.77
C PRO B 52 -7.28 21.40 56.89
N ASP B 53 -8.08 20.81 57.77
CA ASP B 53 -7.55 20.02 58.88
C ASP B 53 -6.71 18.87 58.32
N ARG B 54 -5.40 18.96 58.49
CA ARG B 54 -4.48 18.00 57.89
C ARG B 54 -4.35 16.70 58.66
N LYS B 55 -4.42 16.77 59.99
CA LYS B 55 -4.33 15.59 60.83
C LYS B 55 -5.63 14.79 60.82
N LYS B 56 -6.69 15.44 61.30
CA LYS B 56 -8.01 14.85 61.49
C LYS B 56 -8.38 13.72 60.53
N LYS B 57 -7.87 12.51 60.81
CA LYS B 57 -8.17 11.38 59.93
C LYS B 57 -8.89 10.21 60.59
N PHE B 58 -9.79 9.60 59.83
CA PHE B 58 -10.35 8.29 60.15
C PHE B 58 -9.73 7.27 59.20
N GLN B 59 -9.77 6.00 59.58
CA GLN B 59 -9.32 4.93 58.69
C GLN B 59 -10.34 3.80 58.63
N THR B 60 -10.54 3.26 57.44
CA THR B 60 -11.38 2.09 57.27
C THR B 60 -10.61 0.83 57.68
N LYS B 61 -11.34 -0.26 57.88
CA LYS B 61 -10.70 -1.55 58.07
C LYS B 61 -9.85 -1.84 56.84
N VAL B 62 -8.92 -2.79 56.97
CA VAL B 62 -8.01 -3.08 55.86
C VAL B 62 -8.38 -4.35 55.10
N HIS B 63 -9.27 -4.23 54.13
CA HIS B 63 -9.69 -5.36 53.32
C HIS B 63 -8.50 -5.93 52.53
N ARG B 64 -8.16 -7.19 52.77
CA ARG B 64 -7.03 -7.82 52.07
C ARG B 64 -7.43 -8.59 50.82
N LYS B 65 -6.49 -8.71 49.88
CA LYS B 65 -6.69 -9.32 48.57
C LYS B 65 -8.03 -9.05 47.88
N THR B 66 -8.16 -7.86 47.31
CA THR B 66 -9.33 -7.51 46.51
C THR B 66 -9.13 -6.17 45.80
N LEU B 67 -9.66 -6.07 44.59
CA LEU B 67 -9.62 -4.82 43.85
C LEU B 67 -10.98 -4.12 43.88
N ASN B 68 -11.91 -4.69 44.63
CA ASN B 68 -13.26 -4.14 44.74
C ASN B 68 -13.81 -4.25 46.15
N PRO B 69 -13.11 -3.65 47.13
CA PRO B 69 -13.49 -3.72 48.53
C PRO B 69 -14.91 -3.22 48.77
N ILE B 70 -15.54 -3.71 49.84
CA ILE B 70 -16.85 -3.23 50.25
C ILE B 70 -16.74 -2.78 51.70
N PHE B 71 -16.46 -1.49 51.89
CA PHE B 71 -16.12 -0.95 53.20
C PHE B 71 -17.29 -0.91 54.18
N ASN B 72 -18.39 -0.29 53.77
CA ASN B 72 -19.59 -0.20 54.59
C ASN B 72 -19.37 0.43 55.96
N GLU B 73 -18.41 1.35 56.03
CA GLU B 73 -18.14 2.06 57.29
C GLU B 73 -18.66 3.50 57.24
N THR B 74 -19.00 4.05 58.41
CA THR B 74 -19.56 5.38 58.49
C THR B 74 -18.75 6.25 59.45
N PHE B 75 -18.74 7.55 59.22
CA PHE B 75 -17.92 8.47 60.02
C PHE B 75 -18.65 9.79 60.25
N GLN B 76 -18.56 10.30 61.47
CA GLN B 76 -19.23 11.54 61.84
C GLN B 76 -18.22 12.66 62.04
N PHE B 77 -18.58 13.86 61.58
CA PHE B 77 -17.73 15.04 61.69
C PHE B 77 -18.52 16.17 62.32
N SER B 78 -17.90 16.92 63.22
CA SER B 78 -18.57 18.06 63.85
C SER B 78 -18.24 19.36 63.15
N VAL B 79 -19.16 19.82 62.30
CA VAL B 79 -18.94 21.03 61.52
C VAL B 79 -20.18 21.91 61.54
N PRO B 80 -20.01 23.18 61.92
CA PRO B 80 -21.12 24.13 61.88
C PRO B 80 -21.59 24.30 60.45
N LEU B 81 -22.88 24.56 60.25
CA LEU B 81 -23.41 24.71 58.90
C LEU B 81 -22.66 25.81 58.15
N ALA B 82 -22.29 26.86 58.88
CA ALA B 82 -21.59 28.00 58.29
C ALA B 82 -20.26 27.61 57.65
N GLU B 83 -19.68 26.50 58.11
CA GLU B 83 -18.35 26.09 57.67
C GLU B 83 -18.34 25.10 56.49
N LEU B 84 -19.45 24.41 56.28
CA LEU B 84 -19.49 23.36 55.25
C LEU B 84 -18.99 23.81 53.88
N ALA B 85 -19.29 25.06 53.51
CA ALA B 85 -18.85 25.60 52.23
C ALA B 85 -17.34 25.74 52.18
N GLN B 86 -16.76 26.31 53.24
CA GLN B 86 -15.32 26.52 53.34
C GLN B 86 -14.59 25.23 53.69
N ARG B 87 -15.10 24.10 53.21
CA ARG B 87 -14.60 22.81 53.66
C ARG B 87 -14.57 21.78 52.54
N LYS B 88 -13.64 20.83 52.63
CA LYS B 88 -13.50 19.76 51.65
C LYS B 88 -13.23 18.43 52.33
N LEU B 89 -13.87 17.37 51.84
CA LEU B 89 -13.50 16.02 52.24
C LEU B 89 -12.38 15.53 51.33
N HIS B 90 -11.56 14.62 51.84
CA HIS B 90 -10.43 14.13 51.06
C HIS B 90 -10.06 12.70 51.42
N PHE B 91 -10.32 11.78 50.49
CA PHE B 91 -10.00 10.37 50.71
C PHE B 91 -8.68 9.96 50.09
N SER B 92 -7.85 9.26 50.87
CA SER B 92 -6.63 8.66 50.36
C SER B 92 -6.74 7.14 50.40
N VAL B 93 -6.82 6.52 49.23
CA VAL B 93 -6.89 5.06 49.14
C VAL B 93 -5.49 4.45 49.09
N TYR B 94 -5.23 3.51 50.01
CA TYR B 94 -3.91 2.91 50.15
C TYR B 94 -3.99 1.39 50.12
N ASP B 95 -2.95 0.77 49.59
CA ASP B 95 -2.75 -0.66 49.76
C ASP B 95 -1.91 -0.85 51.02
N PHE B 96 -2.38 -1.69 51.93
CA PHE B 96 -1.63 -2.00 53.14
C PHE B 96 -0.53 -3.01 52.83
N ASP B 97 0.63 -2.84 53.47
CA ASP B 97 1.76 -3.73 53.22
C ASP B 97 2.51 -4.08 54.50
N ARG B 98 2.95 -5.33 54.57
CA ARG B 98 3.70 -5.81 55.71
C ARG B 98 5.18 -5.48 55.54
N PHE B 99 5.76 -5.94 54.44
CA PHE B 99 7.20 -5.85 54.24
C PHE B 99 7.64 -4.61 53.47
N SER B 100 6.70 -3.70 53.18
CA SER B 100 7.03 -2.53 52.36
C SER B 100 6.18 -1.31 52.70
N ARG B 101 6.73 -0.15 52.38
CA ARG B 101 6.00 1.10 52.53
C ARG B 101 4.63 0.95 51.89
N HIS B 102 3.58 1.33 52.61
CA HIS B 102 2.21 1.20 52.09
C HIS B 102 2.05 1.92 50.75
N ASP B 103 1.46 1.24 49.78
CA ASP B 103 1.32 1.78 48.44
C ASP B 103 0.07 2.63 48.27
N LEU B 104 0.26 3.85 47.78
CA LEU B 104 -0.88 4.71 47.48
C LEU B 104 -1.61 4.21 46.24
N ILE B 105 -2.91 4.02 46.38
CA ILE B 105 -3.74 3.61 45.26
C ILE B 105 -4.26 4.84 44.53
N GLY B 106 -4.75 5.82 45.28
CA GLY B 106 -5.25 7.03 44.68
C GLY B 106 -5.92 7.95 45.68
N GLN B 107 -6.45 9.08 45.20
CA GLN B 107 -7.10 10.04 46.08
C GLN B 107 -8.37 10.57 45.43
N VAL B 108 -9.31 11.04 46.25
CA VAL B 108 -10.50 11.72 45.73
C VAL B 108 -10.81 12.95 46.58
N VAL B 109 -11.21 14.03 45.93
CA VAL B 109 -11.59 15.24 46.62
C VAL B 109 -13.09 15.46 46.50
N LEU B 110 -13.75 15.69 47.62
CA LEU B 110 -15.18 16.01 47.57
C LEU B 110 -15.42 17.50 47.71
N ASP B 111 -15.89 18.08 46.61
CA ASP B 111 -16.11 19.52 46.51
C ASP B 111 -17.25 19.91 47.44
N ASN B 112 -17.67 21.17 47.38
CA ASN B 112 -18.67 21.69 48.32
C ASN B 112 -19.56 20.59 48.89
N LEU B 113 -19.34 20.30 50.16
CA LEU B 113 -20.01 19.19 50.83
C LEU B 113 -21.52 19.41 50.98
N LEU B 114 -21.92 20.64 51.22
CA LEU B 114 -23.32 20.95 51.48
C LEU B 114 -24.23 20.32 50.43
N GLU B 115 -23.96 20.63 49.16
CA GLU B 115 -24.82 20.20 48.08
C GLU B 115 -24.89 18.68 47.91
N LEU B 116 -23.76 18.00 48.12
CA LEU B 116 -23.73 16.55 48.01
C LEU B 116 -24.64 15.89 49.04
N ALA B 117 -24.60 16.40 50.26
CA ALA B 117 -25.38 15.82 51.35
C ALA B 117 -26.86 16.15 51.25
N GLU B 118 -27.16 17.40 50.90
CA GLU B 118 -28.52 17.91 50.98
C GLU B 118 -29.55 17.04 50.26
N GLN B 119 -29.08 16.23 49.31
CA GLN B 119 -29.94 15.25 48.62
C GLN B 119 -29.20 14.53 47.48
N PRO B 120 -29.64 13.29 47.16
CA PRO B 120 -30.71 12.53 47.82
C PRO B 120 -30.15 11.50 48.81
N PRO B 121 -31.02 10.61 49.33
CA PRO B 121 -30.60 9.58 50.30
C PRO B 121 -30.74 8.10 49.88
N ASP B 122 -29.63 7.48 49.51
CA ASP B 122 -29.56 6.05 49.17
C ASP B 122 -29.46 5.85 47.66
N ARG B 123 -29.47 6.95 46.93
CA ARG B 123 -28.90 6.97 45.60
C ARG B 123 -27.43 7.34 45.72
N PRO B 124 -26.56 6.33 45.86
CA PRO B 124 -25.12 6.50 46.05
C PRO B 124 -24.48 7.30 44.93
N LEU B 125 -23.47 8.11 45.29
CA LEU B 125 -22.71 8.87 44.31
C LEU B 125 -21.30 8.30 44.17
N TRP B 126 -20.79 8.32 42.94
CA TRP B 126 -19.45 7.80 42.66
C TRP B 126 -18.48 8.90 42.24
N ARG B 127 -17.21 8.71 42.59
CA ARG B 127 -16.13 9.55 42.08
C ARG B 127 -15.00 8.63 41.69
N ASP B 128 -14.30 8.98 40.62
CA ASP B 128 -13.17 8.20 40.17
C ASP B 128 -11.98 8.45 41.08
N ILE B 129 -11.28 7.38 41.46
CA ILE B 129 -10.09 7.51 42.28
C ILE B 129 -8.92 8.02 41.44
N LEU B 130 -8.46 9.22 41.77
CA LEU B 130 -7.40 9.88 41.01
C LEU B 130 -6.03 9.23 41.24
N GLU B 131 -5.64 8.34 40.33
CA GLU B 131 -4.30 7.79 40.35
C GLU B 131 -3.35 8.92 39.98
N GLY B 132 -2.19 8.94 40.61
CA GLY B 132 -1.21 9.98 40.36
C GLY B 132 -0.27 10.14 41.54
N GLY B 133 1.02 10.22 41.26
CA GLY B 133 2.04 10.19 42.28
C GLY B 133 1.75 11.08 43.48
N SER B 134 1.91 10.51 44.66
CA SER B 134 1.80 11.29 45.88
C SER B 134 2.81 10.76 46.88
N GLU B 135 3.91 11.48 46.98
CA GLU B 135 4.92 11.20 47.95
C GLU B 135 4.46 11.87 49.23
N LYS B 136 5.30 11.92 50.24
CA LYS B 136 4.90 12.60 51.46
C LYS B 136 4.35 13.97 51.09
N ALA B 137 4.90 14.54 50.02
CA ALA B 137 4.49 15.85 49.53
C ALA B 137 3.68 15.72 48.26
N ASP B 138 2.38 15.94 48.39
CA ASP B 138 1.49 15.87 47.24
C ASP B 138 1.44 17.24 46.57
N LEU B 139 1.41 17.24 45.25
CA LEU B 139 1.40 18.48 44.48
C LEU B 139 0.04 19.19 44.50
N GLY B 140 -1.03 18.41 44.54
CA GLY B 140 -2.37 18.97 44.66
C GLY B 140 -3.32 18.49 43.58
N GLU B 141 -4.61 18.75 43.78
CA GLU B 141 -5.61 18.43 42.76
C GLU B 141 -6.15 19.72 42.14
N LEU B 142 -6.45 19.66 40.85
CA LEU B 142 -6.97 20.82 40.13
C LEU B 142 -8.34 20.52 39.51
N ASN B 143 -9.30 21.41 39.76
CA ASN B 143 -10.64 21.25 39.22
C ASN B 143 -10.92 22.21 38.07
N PHE B 144 -11.46 21.69 36.98
CA PHE B 144 -11.82 22.51 35.84
C PHE B 144 -12.89 21.88 34.96
N SER B 145 -13.67 22.71 34.26
CA SER B 145 -14.67 22.24 33.32
C SER B 145 -14.05 22.04 31.94
N LEU B 146 -14.88 21.75 30.95
CA LEU B 146 -14.40 21.48 29.60
C LEU B 146 -15.59 21.47 28.63
N CYS B 147 -15.67 22.48 27.77
CA CYS B 147 -16.85 22.66 26.93
C CYS B 147 -16.48 23.05 25.50
N TYR B 148 -16.88 22.22 24.54
CA TYR B 148 -16.56 22.46 23.13
C TYR B 148 -17.78 22.73 22.26
N LEU B 149 -17.86 23.95 21.70
CA LEU B 149 -18.91 24.28 20.74
C LEU B 149 -18.41 23.94 19.34
N PRO B 150 -18.89 22.83 18.77
CA PRO B 150 -18.43 22.39 17.45
C PRO B 150 -18.89 23.36 16.37
N THR B 151 -20.08 23.91 16.56
CA THR B 151 -20.66 24.86 15.61
C THR B 151 -19.82 26.13 15.46
N ALA B 152 -19.02 26.44 16.48
CA ALA B 152 -18.28 27.69 16.50
C ALA B 152 -16.79 27.50 16.72
N GLY B 153 -16.39 26.28 17.06
CA GLY B 153 -15.00 25.96 17.26
C GLY B 153 -14.40 26.54 18.53
N LEU B 154 -15.26 27.02 19.42
CA LEU B 154 -14.79 27.48 20.73
C LEU B 154 -14.63 26.29 21.67
N LEU B 155 -13.41 26.06 22.14
CA LEU B 155 -13.17 25.14 23.23
C LEU B 155 -12.80 25.95 24.48
N THR B 156 -13.52 25.72 25.57
CA THR B 156 -13.38 26.58 26.74
C THR B 156 -13.06 25.77 28.00
N VAL B 157 -11.93 26.10 28.62
CA VAL B 157 -11.40 25.31 29.73
C VAL B 157 -12.06 25.62 31.08
N THR B 158 -11.95 26.87 31.52
CA THR B 158 -12.56 27.30 32.80
C THR B 158 -11.94 26.64 34.03
N ILE B 159 -10.83 27.21 34.50
CA ILE B 159 -10.20 26.73 35.72
C ILE B 159 -11.05 27.11 36.92
N ILE B 160 -11.48 26.11 37.70
CA ILE B 160 -12.35 26.35 38.85
C ILE B 160 -11.60 26.56 40.16
N LYS B 161 -10.81 25.57 40.56
CA LYS B 161 -10.11 25.64 41.84
C LYS B 161 -9.03 24.58 41.97
N ALA B 162 -8.30 24.64 43.08
CA ALA B 162 -7.24 23.68 43.36
C ALA B 162 -7.22 23.36 44.84
N SER B 163 -6.77 22.16 45.18
CA SER B 163 -6.80 21.70 46.56
C SER B 163 -5.44 21.12 46.96
N ASN B 164 -5.06 21.38 48.20
CA ASN B 164 -3.84 20.79 48.75
C ASN B 164 -2.62 21.00 47.86
N LEU B 165 -2.56 22.14 47.17
CA LEU B 165 -1.38 22.49 46.39
C LEU B 165 -0.13 22.33 47.23
N LYS B 166 1.03 22.27 46.58
CA LYS B 166 2.29 22.19 47.31
C LYS B 166 2.80 23.59 47.64
N ALA B 167 3.20 23.79 48.88
CA ALA B 167 3.79 25.06 49.28
C ALA B 167 5.11 25.23 48.53
N MET B 168 5.32 26.40 47.94
CA MET B 168 6.46 26.63 47.06
C MET B 168 7.34 27.79 47.49
N ASP B 169 6.81 28.65 48.36
CA ASP B 169 7.55 29.80 48.88
C ASP B 169 8.04 29.52 50.30
N LEU B 170 9.11 30.21 50.69
CA LEU B 170 9.58 30.16 52.08
C LEU B 170 8.57 30.77 53.02
N THR B 171 7.82 31.75 52.51
CA THR B 171 6.80 32.44 53.30
C THR B 171 5.82 31.44 53.92
N GLY B 172 5.50 30.39 53.18
CA GLY B 172 4.68 29.32 53.72
C GLY B 172 3.68 28.74 52.73
N PHE B 173 3.48 29.41 51.61
CA PHE B 173 2.44 29.01 50.67
C PHE B 173 2.90 29.04 49.23
N SER B 174 1.99 29.46 48.35
CA SER B 174 2.29 29.60 46.94
C SER B 174 1.39 30.68 46.37
N ASP B 175 1.87 31.38 45.34
CA ASP B 175 1.07 32.38 44.66
C ASP B 175 0.68 31.83 43.29
N PRO B 176 -0.28 30.89 43.28
CA PRO B 176 -0.60 30.04 42.13
C PRO B 176 -1.35 30.74 41.02
N TYR B 177 -1.05 30.34 39.79
CA TYR B 177 -1.88 30.65 38.63
C TYR B 177 -1.88 29.42 37.76
N VAL B 178 -2.71 29.40 36.72
CA VAL B 178 -2.87 28.19 35.93
C VAL B 178 -2.58 28.42 34.45
N LYS B 179 -1.67 27.63 33.90
CA LYS B 179 -1.30 27.73 32.50
C LYS B 179 -1.87 26.56 31.69
N ALA B 180 -2.91 26.84 30.91
CA ALA B 180 -3.46 25.86 29.99
C ALA B 180 -2.82 26.08 28.62
N SER B 181 -2.35 25.00 28.00
CA SER B 181 -1.70 25.11 26.70
C SER B 181 -2.10 23.98 25.76
N LEU B 182 -2.55 24.38 24.58
CA LEU B 182 -3.05 23.44 23.56
C LEU B 182 -1.93 22.57 23.00
N ILE B 183 -2.20 21.27 22.91
CA ILE B 183 -1.22 20.30 22.46
C ILE B 183 -1.81 19.41 21.38
N SER B 184 -1.09 19.29 20.27
CA SER B 184 -1.48 18.34 19.23
C SER B 184 -0.24 17.67 18.67
N GLU B 185 -0.17 16.35 18.85
CA GLU B 185 0.94 15.57 18.34
C GLU B 185 2.29 16.12 18.82
N GLY B 186 2.43 16.25 20.13
CA GLY B 186 3.71 16.63 20.72
C GLY B 186 4.06 18.10 20.62
N ARG B 187 3.40 18.80 19.71
CA ARG B 187 3.67 20.23 19.54
C ARG B 187 2.78 21.11 20.42
N ARG B 188 3.39 22.11 21.06
CA ARG B 188 2.65 23.11 21.81
C ARG B 188 2.16 24.22 20.87
N LEU B 189 0.85 24.40 20.79
CA LEU B 189 0.24 25.27 19.79
C LEU B 189 -0.19 26.65 20.30
N LYS B 190 -0.67 26.71 21.53
CA LYS B 190 -1.20 27.96 22.09
C LYS B 190 -1.34 27.88 23.60
N LYS B 191 -0.79 28.86 24.32
CA LYS B 191 -0.92 28.90 25.77
C LYS B 191 -1.96 29.92 26.21
N ARG B 192 -2.34 29.84 27.49
CA ARG B 192 -3.30 30.78 28.07
C ARG B 192 -3.20 30.72 29.60
N LYS B 193 -3.04 31.87 30.23
CA LYS B 193 -2.87 31.93 31.68
C LYS B 193 -4.12 32.39 32.40
N THR B 194 -4.15 32.21 33.72
CA THR B 194 -5.24 32.73 34.55
C THR B 194 -4.72 33.83 35.47
N SER B 195 -5.57 34.31 36.36
CA SER B 195 -5.18 35.28 37.37
C SER B 195 -4.09 34.69 38.27
N ILE B 196 -3.43 35.53 39.06
CA ILE B 196 -2.28 35.09 39.85
C ILE B 196 -2.56 35.01 41.36
N LYS B 197 -3.76 34.56 41.73
CA LYS B 197 -4.17 34.47 43.13
C LYS B 197 -3.01 34.20 44.09
N LYS B 198 -2.78 35.10 45.04
CA LYS B 198 -1.57 35.04 45.86
C LYS B 198 -1.74 34.52 47.29
N ASN B 199 -0.68 33.86 47.77
CA ASN B 199 -0.58 33.37 49.14
C ASN B 199 -1.68 32.42 49.58
N THR B 200 -1.95 31.43 48.75
CA THR B 200 -2.93 30.39 49.07
C THR B 200 -2.45 29.05 48.54
N LEU B 201 -3.08 27.98 48.99
CA LEU B 201 -2.75 26.64 48.50
C LEU B 201 -4.04 25.95 48.08
N ASN B 202 -5.16 26.63 48.33
CA ASN B 202 -6.45 26.20 47.83
C ASN B 202 -7.13 27.36 47.12
N PRO B 203 -6.62 27.70 45.92
CA PRO B 203 -7.10 28.84 45.14
C PRO B 203 -8.45 28.56 44.47
N THR B 204 -9.19 29.63 44.19
CA THR B 204 -10.41 29.52 43.41
C THR B 204 -10.35 30.54 42.29
N TYR B 205 -10.58 30.08 41.07
CA TYR B 205 -10.39 30.91 39.89
C TYR B 205 -11.70 31.26 39.21
N ASN B 206 -12.42 30.24 38.75
CA ASN B 206 -13.65 30.44 37.99
C ASN B 206 -13.41 31.30 36.76
N GLU B 207 -12.20 31.21 36.20
CA GLU B 207 -11.82 31.98 35.04
C GLU B 207 -11.80 31.10 33.80
N ALA B 208 -12.38 31.59 32.71
CA ALA B 208 -12.48 30.80 31.48
C ALA B 208 -11.32 31.05 30.53
N LEU B 209 -10.68 29.97 30.09
CA LEU B 209 -9.65 30.06 29.05
C LEU B 209 -10.22 29.49 27.75
N VAL B 210 -10.04 30.21 26.65
CA VAL B 210 -10.69 29.82 25.40
C VAL B 210 -9.71 29.63 24.25
N PHE B 211 -10.02 28.65 23.39
CA PHE B 211 -9.14 28.31 22.28
C PHE B 211 -9.96 28.07 21.02
N ASP B 212 -9.49 28.61 19.90
CA ASP B 212 -10.12 28.34 18.61
C ASP B 212 -9.63 27.00 18.07
N VAL B 213 -10.56 26.06 17.91
CA VAL B 213 -10.23 24.72 17.44
C VAL B 213 -11.32 24.22 16.49
N ALA B 214 -10.93 23.94 15.26
CA ALA B 214 -11.87 23.42 14.27
C ALA B 214 -12.46 22.08 14.73
N PRO B 215 -13.69 21.78 14.31
CA PRO B 215 -14.35 20.52 14.65
C PRO B 215 -13.65 19.31 14.04
N GLU B 216 -13.03 19.50 12.88
CA GLU B 216 -12.29 18.43 12.23
C GLU B 216 -10.94 18.21 12.88
N SER B 217 -10.75 18.84 14.04
CA SER B 217 -9.43 18.87 14.67
C SER B 217 -9.43 18.58 16.17
N VAL B 218 -10.54 18.85 16.85
CA VAL B 218 -10.59 18.57 18.29
C VAL B 218 -10.07 17.16 18.56
N GLU B 219 -10.66 16.18 17.91
CA GLU B 219 -10.26 14.79 18.13
C GLU B 219 -8.74 14.60 18.19
N ASN B 220 -7.99 15.40 17.45
CA ASN B 220 -6.54 15.26 17.37
C ASN B 220 -5.73 16.27 18.20
N VAL B 221 -6.43 17.22 18.83
CA VAL B 221 -5.78 18.15 19.74
C VAL B 221 -6.03 17.78 21.22
N GLY B 222 -5.46 18.55 22.14
CA GLY B 222 -5.61 18.29 23.56
C GLY B 222 -4.92 19.40 24.33
N LEU B 223 -4.92 19.35 25.65
CA LEU B 223 -4.27 20.41 26.41
C LEU B 223 -3.58 19.96 27.69
N SER B 224 -2.46 20.62 27.98
CA SER B 224 -1.69 20.40 29.19
C SER B 224 -1.87 21.56 30.17
N ILE B 225 -2.64 21.32 31.23
CA ILE B 225 -2.83 22.30 32.28
C ILE B 225 -1.74 22.15 33.34
N ALA B 226 -1.27 23.27 33.89
CA ALA B 226 -0.23 23.23 34.91
C ALA B 226 -0.37 24.38 35.90
N VAL B 227 -0.51 24.02 37.18
CA VAL B 227 -0.53 25.02 38.24
C VAL B 227 0.90 25.50 38.51
N VAL B 228 1.07 26.83 38.54
CA VAL B 228 2.40 27.41 38.71
C VAL B 228 2.42 28.43 39.84
N ASP B 229 3.45 28.34 40.68
CA ASP B 229 3.67 29.35 41.71
C ASP B 229 4.34 30.54 41.07
N TYR B 230 3.72 31.71 41.19
CA TYR B 230 4.35 32.93 40.71
C TYR B 230 5.54 33.17 41.62
N ASP B 231 6.50 33.95 41.17
CA ASP B 231 7.61 34.36 42.01
C ASP B 231 8.05 35.77 41.66
N CYS B 232 8.26 36.02 40.37
CA CYS B 232 8.55 37.37 39.89
C CYS B 232 8.87 37.43 38.41
N ILE B 233 9.01 38.66 37.91
CA ILE B 233 9.58 38.96 36.60
C ILE B 233 9.50 37.85 35.54
N GLY B 234 10.23 36.76 35.78
CA GLY B 234 10.20 35.62 34.89
C GLY B 234 10.78 34.37 35.54
N HIS B 235 10.70 34.31 36.87
CA HIS B 235 11.27 33.21 37.63
C HIS B 235 10.23 32.28 38.25
N ASN B 236 9.03 32.23 37.66
CA ASN B 236 7.97 31.39 38.19
C ASN B 236 8.35 29.92 38.21
N GLU B 237 8.04 29.23 39.31
CA GLU B 237 8.34 27.82 39.45
C GLU B 237 7.07 26.95 39.49
N VAL B 238 7.06 25.89 38.67
CA VAL B 238 5.87 25.05 38.51
C VAL B 238 5.58 24.21 39.74
N ILE B 239 4.31 24.09 40.08
CA ILE B 239 3.88 23.24 41.18
C ILE B 239 3.56 21.83 40.68
N GLY B 240 2.69 21.75 39.68
CA GLY B 240 2.26 20.47 39.15
C GLY B 240 1.59 20.59 37.80
N VAL B 241 1.36 19.46 37.14
CA VAL B 241 0.81 19.44 35.80
C VAL B 241 -0.24 18.35 35.66
N CYS B 242 -1.03 18.42 34.59
CA CYS B 242 -1.97 17.34 34.25
C CYS B 242 -2.34 17.39 32.77
N ARG B 243 -2.43 16.22 32.15
CA ARG B 243 -2.81 16.12 30.75
C ARG B 243 -4.31 15.86 30.59
N VAL B 244 -4.83 16.23 29.43
CA VAL B 244 -6.23 15.95 29.10
C VAL B 244 -6.38 15.99 27.57
N GLY B 245 -6.94 14.92 27.00
CA GLY B 245 -7.06 14.77 25.57
C GLY B 245 -6.63 13.38 25.18
N PRO B 246 -6.67 13.05 23.89
CA PRO B 246 -6.13 11.73 23.51
C PRO B 246 -4.64 11.79 23.75
N GLU B 247 -3.94 10.67 23.61
CA GLU B 247 -2.50 10.68 23.78
C GLU B 247 -2.17 11.16 25.19
N ALA B 248 -3.09 10.90 26.12
CA ALA B 248 -2.89 11.27 27.51
C ALA B 248 -2.59 10.03 28.35
N ALA B 249 -1.54 10.12 29.17
CA ALA B 249 -1.13 8.99 29.99
C ALA B 249 -2.31 8.38 30.75
N ASP B 250 -2.89 9.17 31.65
CA ASP B 250 -3.95 8.70 32.53
C ASP B 250 -5.28 8.56 31.80
N PRO B 251 -5.89 7.37 31.87
CA PRO B 251 -7.22 7.14 31.30
C PRO B 251 -8.18 8.25 31.69
N HIS B 252 -8.20 8.58 32.98
CA HIS B 252 -9.06 9.64 33.50
C HIS B 252 -8.83 10.94 32.74
N GLY B 253 -7.60 11.15 32.29
CA GLY B 253 -7.25 12.34 31.53
C GLY B 253 -7.95 12.39 30.19
N ARG B 254 -7.95 11.27 29.47
CA ARG B 254 -8.56 11.24 28.14
C ARG B 254 -10.05 10.90 28.17
N GLU B 255 -10.52 10.33 29.28
CA GLU B 255 -11.95 10.08 29.40
C GLU B 255 -12.66 11.41 29.55
N HIS B 256 -11.95 12.40 30.08
CA HIS B 256 -12.50 13.72 30.32
C HIS B 256 -12.63 14.48 29.02
N TRP B 257 -11.64 14.34 28.14
CA TRP B 257 -11.69 14.97 26.83
C TRP B 257 -12.66 14.17 25.96
N ALA B 258 -12.75 12.88 26.24
CA ALA B 258 -13.64 12.00 25.49
C ALA B 258 -15.09 12.39 25.71
N GLU B 259 -15.45 12.72 26.94
CA GLU B 259 -16.82 13.10 27.25
C GLU B 259 -17.07 14.60 27.08
N MET B 260 -16.02 15.34 26.76
CA MET B 260 -16.19 16.74 26.38
C MET B 260 -16.86 16.78 25.02
N LEU B 261 -16.29 16.03 24.08
CA LEU B 261 -17.02 15.68 22.86
C LEU B 261 -18.09 14.71 23.34
N ALA B 262 -19.11 14.46 22.52
CA ALA B 262 -20.22 13.60 22.90
C ALA B 262 -21.21 14.32 23.81
N ASN B 263 -20.80 15.47 24.32
CA ASN B 263 -21.70 16.36 25.05
C ASN B 263 -21.40 17.78 24.65
N PRO B 264 -21.61 18.09 23.36
CA PRO B 264 -21.15 19.31 22.70
C PRO B 264 -21.15 20.53 23.59
N ARG B 265 -22.31 21.14 23.76
CA ARG B 265 -22.40 22.44 24.42
C ARG B 265 -22.60 22.32 25.93
N LYS B 266 -22.13 21.21 26.49
CA LYS B 266 -22.18 20.98 27.94
C LYS B 266 -20.78 20.99 28.55
N PRO B 267 -20.56 21.84 29.55
CA PRO B 267 -19.30 21.84 30.31
C PRO B 267 -19.23 20.61 31.19
N VAL B 268 -18.11 19.89 31.13
CA VAL B 268 -17.91 18.74 32.01
C VAL B 268 -16.87 19.02 33.10
N GLU B 269 -17.31 18.98 34.35
CA GLU B 269 -16.42 19.21 35.49
C GLU B 269 -15.73 17.90 35.87
N HIS B 270 -14.47 18.00 36.29
CA HIS B 270 -13.71 16.83 36.73
C HIS B 270 -12.48 17.25 37.53
N TRP B 271 -12.15 16.48 38.55
CA TRP B 271 -10.90 16.68 39.28
C TRP B 271 -9.78 15.90 38.62
N HIS B 272 -8.56 16.43 38.69
CA HIS B 272 -7.39 15.74 38.16
C HIS B 272 -6.26 15.83 39.15
N GLN B 273 -5.42 14.80 39.19
CA GLN B 273 -4.25 14.82 40.06
C GLN B 273 -3.11 15.56 39.39
N LEU B 274 -2.56 16.56 40.06
CA LEU B 274 -1.36 17.22 39.57
C LEU B 274 -0.18 16.29 39.74
N VAL B 275 0.64 16.17 38.70
CA VAL B 275 1.73 15.21 38.69
C VAL B 275 3.04 15.90 38.34
N GLU B 276 4.15 15.31 38.76
CA GLU B 276 5.47 15.86 38.47
C GLU B 276 5.65 16.07 36.97
N GLU B 277 6.22 17.21 36.61
CA GLU B 277 6.42 17.57 35.21
C GLU B 277 7.17 16.50 34.41
N LYS B 278 8.12 15.83 35.07
CA LYS B 278 8.96 14.85 34.42
C LYS B 278 8.39 13.42 34.38
N THR B 279 7.13 13.29 33.97
CA THR B 279 6.54 11.98 33.74
C THR B 279 5.74 12.02 32.44
N LEU B 280 5.85 13.15 31.74
CA LEU B 280 5.32 13.34 30.40
C LEU B 280 6.40 14.06 29.61
N SER B 281 6.15 14.36 28.34
CA SER B 281 7.14 15.09 27.55
C SER B 281 6.64 15.62 26.20
N SER B 282 6.40 16.93 26.12
CA SER B 282 6.00 17.56 24.86
C SER B 282 7.21 17.86 23.98
N GLY C 4 -13.25 -9.79 -38.25
CA GLY C 4 -13.57 -10.39 -39.53
C GLY C 4 -14.52 -11.56 -39.39
N ALA C 5 -15.58 -11.54 -40.19
CA ALA C 5 -16.65 -12.55 -40.07
C ALA C 5 -16.23 -13.95 -40.53
N PRO C 6 -15.81 -14.10 -41.80
CA PRO C 6 -15.42 -15.43 -42.27
C PRO C 6 -14.16 -15.94 -41.59
N CYS C 7 -13.71 -15.26 -40.54
CA CYS C 7 -12.47 -15.64 -39.87
C CYS C 7 -12.71 -16.51 -38.64
N GLY C 8 -12.48 -17.82 -38.80
CA GLY C 8 -12.66 -18.75 -37.71
C GLY C 8 -11.65 -18.50 -36.60
N ARG C 9 -12.03 -18.82 -35.37
CA ARG C 9 -11.16 -18.57 -34.23
C ARG C 9 -11.35 -19.61 -33.12
N ILE C 10 -10.36 -19.68 -32.23
CA ILE C 10 -10.35 -20.70 -31.18
C ILE C 10 -9.95 -20.07 -29.84
N SER C 11 -10.53 -20.60 -28.76
CA SER C 11 -10.31 -20.02 -27.44
C SER C 11 -9.73 -21.05 -26.47
N PHE C 12 -9.03 -20.55 -25.47
CA PHE C 12 -8.38 -21.42 -24.50
C PHE C 12 -7.91 -20.61 -23.31
N ALA C 13 -7.25 -21.30 -22.39
CA ALA C 13 -6.69 -20.67 -21.20
C ALA C 13 -5.45 -21.43 -20.80
N LEU C 14 -4.50 -20.74 -20.18
CA LEU C 14 -3.27 -21.39 -19.75
C LEU C 14 -2.67 -20.71 -18.53
N ARG C 15 -2.17 -21.53 -17.62
CA ARG C 15 -1.49 -21.04 -16.43
C ARG C 15 -0.21 -21.85 -16.26
N TYR C 16 0.75 -21.29 -15.53
CA TYR C 16 2.05 -21.93 -15.39
C TYR C 16 2.37 -22.16 -13.93
N LEU C 17 2.19 -23.40 -13.49
CA LEU C 17 2.51 -23.77 -12.12
C LEU C 17 4.02 -23.76 -11.94
N TYR C 18 4.54 -22.77 -11.23
CA TYR C 18 5.93 -22.78 -10.85
C TYR C 18 6.05 -23.89 -9.82
N GLY C 19 7.25 -24.11 -9.30
CA GLY C 19 7.42 -25.07 -8.22
C GLY C 19 7.17 -26.51 -8.66
N SER C 20 6.77 -26.66 -9.92
CA SER C 20 6.60 -27.97 -10.53
C SER C 20 6.95 -27.81 -12.00
N ASP C 21 7.46 -26.62 -12.33
CA ASP C 21 7.83 -26.25 -13.69
C ASP C 21 6.92 -26.90 -14.71
N GLN C 22 5.71 -26.37 -14.85
CA GLN C 22 4.70 -26.99 -15.70
C GLN C 22 3.77 -25.97 -16.36
N LEU C 23 3.89 -25.87 -17.67
CA LEU C 23 3.00 -25.04 -18.47
C LEU C 23 1.74 -25.84 -18.77
N VAL C 24 0.59 -25.37 -18.28
CA VAL C 24 -0.67 -26.04 -18.53
C VAL C 24 -1.51 -25.30 -19.57
N VAL C 25 -2.19 -26.06 -20.44
CA VAL C 25 -2.95 -25.47 -21.53
C VAL C 25 -4.31 -26.14 -21.72
N ARG C 26 -5.38 -25.39 -21.49
CA ARG C 26 -6.73 -25.88 -21.76
C ARG C 26 -7.24 -25.35 -23.08
N ILE C 27 -7.48 -26.24 -24.04
CA ILE C 27 -8.17 -25.86 -25.26
C ILE C 27 -9.67 -25.88 -25.02
N LEU C 28 -10.31 -24.73 -25.13
CA LEU C 28 -11.73 -24.62 -24.80
C LEU C 28 -12.63 -24.94 -25.99
N GLN C 29 -12.83 -23.99 -26.88
CA GLN C 29 -13.68 -24.21 -28.03
C GLN C 29 -13.33 -23.32 -29.23
N ALA C 30 -13.68 -23.78 -30.42
CA ALA C 30 -13.51 -22.99 -31.63
C ALA C 30 -14.86 -22.51 -32.14
N LEU C 31 -14.83 -21.53 -33.03
CA LEU C 31 -16.05 -20.97 -33.61
C LEU C 31 -15.86 -20.69 -35.10
N ASP C 32 -16.95 -20.83 -35.85
CA ASP C 32 -16.94 -20.46 -37.27
C ASP C 32 -15.80 -21.11 -38.05
N LEU C 33 -15.47 -22.35 -37.71
CA LEU C 33 -14.47 -23.10 -38.46
C LEU C 33 -14.88 -23.26 -39.92
N PRO C 34 -13.89 -23.36 -40.82
CA PRO C 34 -14.10 -23.62 -42.24
C PRO C 34 -14.52 -25.07 -42.47
N ALA C 35 -15.47 -25.28 -43.38
CA ALA C 35 -15.89 -26.63 -43.74
C ALA C 35 -14.83 -27.26 -44.64
N LYS C 36 -14.64 -28.57 -44.50
CA LYS C 36 -13.67 -29.28 -45.32
C LYS C 36 -14.31 -30.54 -45.88
N ASP C 37 -15.46 -30.93 -45.32
CA ASP C 37 -16.23 -32.06 -45.85
C ASP C 37 -17.24 -31.55 -46.86
N SER C 38 -17.58 -32.40 -47.83
CA SER C 38 -18.59 -32.06 -48.81
C SER C 38 -19.95 -31.84 -48.15
N ASN C 39 -20.08 -32.28 -46.89
CA ASN C 39 -21.34 -32.14 -46.17
C ASN C 39 -21.55 -30.75 -45.57
N GLY C 40 -20.59 -29.85 -45.80
CA GLY C 40 -20.67 -28.49 -45.29
C GLY C 40 -20.19 -28.32 -43.87
N PHE C 41 -19.47 -29.31 -43.36
CA PHE C 41 -18.96 -29.29 -41.99
C PHE C 41 -17.51 -29.71 -41.97
N SER C 42 -17.04 -30.09 -40.79
CA SER C 42 -15.69 -30.59 -40.60
C SER C 42 -15.65 -31.49 -39.38
N ASP C 43 -14.70 -32.41 -39.35
CA ASP C 43 -14.48 -33.25 -38.18
C ASP C 43 -13.18 -32.81 -37.51
N PRO C 44 -13.22 -31.64 -36.83
CA PRO C 44 -12.00 -30.99 -36.32
C PRO C 44 -11.37 -31.67 -35.11
N TYR C 45 -10.03 -31.63 -35.09
CA TYR C 45 -9.23 -32.00 -33.94
C TYR C 45 -7.98 -31.15 -34.05
N VAL C 46 -7.26 -30.95 -32.95
CA VAL C 46 -6.12 -30.04 -33.00
C VAL C 46 -4.81 -30.61 -32.47
N LYS C 47 -3.80 -30.64 -33.34
CA LYS C 47 -2.44 -31.03 -32.98
C LYS C 47 -1.80 -29.89 -32.21
N ILE C 48 -0.94 -30.23 -31.25
CA ILE C 48 -0.30 -29.22 -30.41
C ILE C 48 1.20 -29.44 -30.35
N TYR C 49 1.96 -28.39 -30.62
CA TYR C 49 3.41 -28.49 -30.55
C TYR C 49 3.91 -27.42 -29.59
N LEU C 50 5.13 -27.62 -29.10
CA LEU C 50 5.78 -26.60 -28.28
C LEU C 50 7.19 -26.34 -28.79
N LEU C 51 7.28 -25.39 -29.72
CA LEU C 51 8.51 -25.14 -30.47
C LEU C 51 9.68 -24.83 -29.55
N PRO C 52 10.90 -25.05 -30.03
CA PRO C 52 11.18 -25.59 -31.35
C PRO C 52 11.00 -27.10 -31.45
N ASP C 53 10.56 -27.73 -30.36
CA ASP C 53 10.33 -29.17 -30.37
C ASP C 53 9.29 -29.52 -31.44
N ARG C 54 9.75 -30.16 -32.52
CA ARG C 54 8.88 -30.42 -33.67
C ARG C 54 7.99 -31.65 -33.52
N LYS C 55 8.49 -32.66 -32.83
CA LYS C 55 7.71 -33.87 -32.59
C LYS C 55 6.66 -33.66 -31.51
N LYS C 56 7.14 -33.38 -30.30
CA LYS C 56 6.34 -33.23 -29.08
C LYS C 56 4.91 -32.75 -29.28
N LYS C 57 4.02 -33.65 -29.69
CA LYS C 57 2.62 -33.27 -29.91
C LYS C 57 1.60 -33.99 -29.04
N PHE C 58 0.57 -33.25 -28.65
CA PHE C 58 -0.65 -33.81 -28.09
C PHE C 58 -1.75 -33.70 -29.14
N GLN C 59 -2.80 -34.50 -29.01
CA GLN C 59 -3.94 -34.38 -29.90
C GLN C 59 -5.24 -34.38 -29.11
N THR C 60 -6.18 -33.54 -29.54
CA THR C 60 -7.51 -33.53 -28.95
C THR C 60 -8.33 -34.66 -29.51
N LYS C 61 -9.45 -34.97 -28.86
CA LYS C 61 -10.40 -35.92 -29.42
C LYS C 61 -10.86 -35.38 -30.76
N VAL C 62 -11.47 -36.24 -31.58
CA VAL C 62 -11.86 -35.82 -32.91
C VAL C 62 -13.36 -35.54 -33.02
N HIS C 63 -13.78 -34.33 -32.70
CA HIS C 63 -15.19 -33.96 -32.78
C HIS C 63 -15.68 -34.02 -34.23
N ARG C 64 -16.66 -34.88 -34.52
CA ARG C 64 -17.19 -35.00 -35.88
C ARG C 64 -18.41 -34.13 -36.16
N LYS C 65 -18.59 -33.77 -37.44
CA LYS C 65 -19.63 -32.86 -37.92
C LYS C 65 -19.93 -31.66 -37.05
N THR C 66 -19.07 -30.66 -37.11
CA THR C 66 -19.30 -29.39 -36.43
C THR C 66 -18.26 -28.35 -36.84
N LEU C 67 -18.69 -27.10 -36.94
CA LEU C 67 -17.78 -26.01 -37.24
C LEU C 67 -17.46 -25.20 -35.98
N ASN C 68 -17.96 -25.67 -34.84
CA ASN C 68 -17.75 -24.98 -33.58
C ASN C 68 -17.53 -25.96 -32.44
N PRO C 69 -16.48 -26.80 -32.56
CA PRO C 69 -16.18 -27.83 -31.57
C PRO C 69 -15.98 -27.25 -30.17
N ILE C 70 -16.25 -28.07 -29.15
CA ILE C 70 -15.98 -27.69 -27.77
C ILE C 70 -15.08 -28.75 -27.16
N PHE C 71 -13.77 -28.48 -27.23
CA PHE C 71 -12.77 -29.48 -26.88
C PHE C 71 -12.70 -29.80 -25.39
N ASN C 72 -12.54 -28.76 -24.57
CA ASN C 72 -12.48 -28.92 -23.12
C ASN C 72 -11.39 -29.88 -22.63
N GLU C 73 -10.29 -29.97 -23.38
CA GLU C 73 -9.17 -30.80 -22.98
C GLU C 73 -7.99 -29.98 -22.46
N THR C 74 -7.21 -30.58 -21.57
CA THR C 74 -6.08 -29.88 -20.95
C THR C 74 -4.79 -30.66 -21.16
N PHE C 75 -3.67 -29.95 -21.18
CA PHE C 75 -2.37 -30.57 -21.45
C PHE C 75 -1.27 -29.92 -20.63
N GLN C 76 -0.38 -30.76 -20.11
CA GLN C 76 0.71 -30.29 -19.27
C GLN C 76 2.05 -30.41 -19.99
N PHE C 77 2.90 -29.40 -19.81
CA PHE C 77 4.22 -29.37 -20.43
C PHE C 77 5.27 -29.11 -19.37
N SER C 78 6.40 -29.81 -19.45
CA SER C 78 7.48 -29.58 -18.49
C SER C 78 8.53 -28.61 -19.02
N VAL C 79 8.44 -27.35 -18.58
CA VAL C 79 9.34 -26.32 -19.06
C VAL C 79 9.85 -25.48 -17.88
N PRO C 80 11.17 -25.34 -17.78
CA PRO C 80 11.76 -24.47 -16.75
C PRO C 80 11.33 -23.04 -17.00
N LEU C 81 11.18 -22.25 -15.94
CA LEU C 81 10.75 -20.88 -16.09
C LEU C 81 11.69 -20.13 -17.03
N ALA C 82 12.98 -20.45 -16.94
CA ALA C 82 14.00 -19.80 -17.75
C ALA C 82 13.76 -19.94 -19.25
N GLU C 83 13.04 -21.00 -19.62
CA GLU C 83 12.84 -21.34 -21.03
C GLU C 83 11.57 -20.79 -21.65
N LEU C 84 10.59 -20.44 -20.82
CA LEU C 84 9.28 -20.01 -21.34
C LEU C 84 9.38 -18.91 -22.39
N ALA C 85 10.31 -18.00 -22.21
CA ALA C 85 10.50 -16.90 -23.16
C ALA C 85 10.98 -17.41 -24.52
N GLN C 86 11.99 -18.28 -24.48
CA GLN C 86 12.56 -18.85 -25.70
C GLN C 86 11.67 -19.96 -26.27
N ARG C 87 10.35 -19.82 -26.11
CA ARG C 87 9.45 -20.92 -26.43
C ARG C 87 8.15 -20.41 -27.05
N LYS C 88 7.54 -21.25 -27.89
CA LYS C 88 6.26 -20.93 -28.53
C LYS C 88 5.34 -22.14 -28.54
N LEU C 89 4.05 -21.90 -28.28
CA LEU C 89 3.05 -22.94 -28.51
C LEU C 89 2.59 -22.85 -29.94
N HIS C 90 2.13 -23.96 -30.50
CA HIS C 90 1.71 -23.98 -31.89
C HIS C 90 0.59 -24.99 -32.14
N PHE C 91 -0.61 -24.50 -32.41
CA PHE C 91 -1.76 -25.37 -32.67
C PHE C 91 -2.03 -25.57 -34.17
N SER C 92 -2.20 -26.82 -34.57
CA SER C 92 -2.62 -27.15 -35.93
C SER C 92 -4.02 -27.74 -35.93
N VAL C 93 -4.99 -26.99 -36.43
CA VAL C 93 -6.36 -27.49 -36.49
C VAL C 93 -6.59 -28.27 -37.79
N TYR C 94 -7.08 -29.49 -37.66
CA TYR C 94 -7.26 -30.38 -38.81
C TYR C 94 -8.68 -30.93 -38.86
N ASP C 95 -9.18 -31.15 -40.07
CA ASP C 95 -10.38 -31.97 -40.25
C ASP C 95 -9.94 -33.41 -40.42
N PHE C 96 -10.53 -34.31 -39.63
CA PHE C 96 -10.23 -35.73 -39.74
C PHE C 96 -10.98 -36.35 -40.92
N ASP C 97 -10.33 -37.25 -41.64
CA ASP C 97 -10.93 -37.86 -42.81
C ASP C 97 -10.67 -39.36 -42.90
N ARG C 98 -11.69 -40.09 -43.32
CA ARG C 98 -11.56 -41.54 -43.49
C ARG C 98 -10.95 -41.85 -44.85
N PHE C 99 -11.59 -41.36 -45.90
CA PHE C 99 -11.24 -41.75 -47.27
C PHE C 99 -10.25 -40.79 -47.93
N SER C 100 -9.75 -39.83 -47.17
CA SER C 100 -8.87 -38.83 -47.77
C SER C 100 -7.85 -38.27 -46.79
N ARG C 101 -6.75 -37.74 -47.34
CA ARG C 101 -5.73 -37.08 -46.55
C ARG C 101 -6.40 -36.05 -45.66
N HIS C 102 -6.05 -36.06 -44.37
CA HIS C 102 -6.67 -35.14 -43.42
C HIS C 102 -6.51 -33.69 -43.86
N ASP C 103 -7.60 -32.93 -43.82
CA ASP C 103 -7.60 -31.55 -44.30
C ASP C 103 -7.18 -30.56 -43.23
N LEU C 104 -6.17 -29.76 -43.52
CA LEU C 104 -5.76 -28.70 -42.60
C LEU C 104 -6.80 -27.59 -42.58
N ILE C 105 -7.25 -27.24 -41.38
CA ILE C 105 -8.20 -26.15 -41.20
C ILE C 105 -7.46 -24.84 -41.00
N GLY C 106 -6.42 -24.88 -40.16
CA GLY C 106 -5.63 -23.69 -39.91
C GLY C 106 -4.63 -23.88 -38.78
N GLN C 107 -3.87 -22.82 -38.48
CA GLN C 107 -2.87 -22.88 -37.43
C GLN C 107 -2.91 -21.61 -36.59
N VAL C 108 -2.47 -21.71 -35.34
CA VAL C 108 -2.28 -20.54 -34.48
C VAL C 108 -0.95 -20.62 -33.73
N VAL C 109 -0.28 -19.48 -33.62
CA VAL C 109 0.97 -19.41 -32.88
C VAL C 109 0.75 -18.62 -31.60
N LEU C 110 1.17 -19.17 -30.47
CA LEU C 110 1.11 -18.43 -29.22
C LEU C 110 2.45 -17.84 -28.84
N ASP C 111 2.52 -16.52 -28.91
CA ASP C 111 3.74 -15.76 -28.66
C ASP C 111 4.12 -15.89 -27.20
N ASN C 112 5.15 -15.18 -26.77
CA ASN C 112 5.69 -15.33 -25.42
C ASN C 112 4.65 -15.88 -24.45
N LEU C 113 4.86 -17.13 -24.05
CA LEU C 113 3.90 -17.85 -23.23
C LEU C 113 3.78 -17.28 -21.81
N LEU C 114 4.90 -16.82 -21.27
CA LEU C 114 4.92 -16.34 -19.89
C LEU C 114 3.78 -15.36 -19.62
N GLU C 115 3.72 -14.29 -20.41
CA GLU C 115 2.74 -13.23 -20.20
C GLU C 115 1.28 -13.69 -20.32
N LEU C 116 1.01 -14.58 -21.25
CA LEU C 116 -0.35 -15.09 -21.45
C LEU C 116 -0.83 -15.83 -20.21
N ALA C 117 0.05 -16.64 -19.63
CA ALA C 117 -0.31 -17.45 -18.48
C ALA C 117 -0.40 -16.64 -17.20
N GLU C 118 0.55 -15.73 -17.02
CA GLU C 118 0.71 -15.03 -15.74
C GLU C 118 -0.57 -14.37 -15.23
N GLN C 119 -1.50 -14.10 -16.14
CA GLN C 119 -2.83 -13.59 -15.78
C GLN C 119 -3.68 -13.25 -17.00
N PRO C 120 -5.01 -13.31 -16.85
CA PRO C 120 -5.76 -13.72 -15.65
C PRO C 120 -6.24 -15.18 -15.75
N PRO C 121 -7.07 -15.61 -14.79
CA PRO C 121 -7.66 -16.95 -14.80
C PRO C 121 -9.17 -16.79 -14.73
N ASP C 122 -9.70 -15.71 -15.28
CA ASP C 122 -11.14 -15.54 -15.11
C ASP C 122 -11.74 -15.32 -16.45
N ARG C 123 -10.94 -15.59 -17.47
CA ARG C 123 -11.14 -14.86 -18.70
C ARG C 123 -10.38 -15.44 -19.87
N PRO C 124 -11.05 -16.31 -20.64
CA PRO C 124 -10.48 -16.99 -21.80
C PRO C 124 -9.96 -16.00 -22.84
N LEU C 125 -8.87 -16.37 -23.51
CA LEU C 125 -8.31 -15.56 -24.58
C LEU C 125 -8.54 -16.24 -25.93
N TRP C 126 -8.79 -15.44 -26.96
CA TRP C 126 -9.03 -15.96 -28.30
C TRP C 126 -7.92 -15.58 -29.28
N ARG C 127 -7.68 -16.45 -30.24
CA ARG C 127 -6.81 -16.13 -31.36
C ARG C 127 -7.51 -16.63 -32.62
N ASP C 128 -7.37 -15.89 -33.71
CA ASP C 128 -7.96 -16.30 -34.97
C ASP C 128 -7.14 -17.44 -35.57
N ILE C 129 -7.83 -18.47 -36.07
CA ILE C 129 -7.16 -19.58 -36.74
C ILE C 129 -6.66 -19.15 -38.12
N LEU C 130 -5.35 -19.14 -38.30
CA LEU C 130 -4.75 -18.68 -39.54
C LEU C 130 -4.92 -19.68 -40.69
N GLU C 131 -5.94 -19.45 -41.52
CA GLU C 131 -6.12 -20.22 -42.74
C GLU C 131 -4.98 -19.85 -43.67
N GLY C 132 -4.45 -20.83 -44.38
CA GLY C 132 -3.36 -20.60 -45.30
C GLY C 132 -2.62 -21.89 -45.55
N GLY C 133 -2.31 -22.14 -46.82
CA GLY C 133 -1.76 -23.42 -47.24
C GLY C 133 -0.63 -23.92 -46.37
N SER C 134 -0.71 -25.19 -46.00
CA SER C 134 0.37 -25.83 -45.29
C SER C 134 0.46 -27.26 -45.74
N GLU C 135 1.42 -27.49 -46.61
CA GLU C 135 1.72 -28.83 -47.07
C GLU C 135 2.64 -29.41 -46.02
N LYS C 136 3.23 -30.57 -46.29
CA LYS C 136 4.15 -31.14 -45.32
C LYS C 136 5.14 -30.06 -44.91
N ALA C 137 5.44 -29.18 -45.86
CA ALA C 137 6.38 -28.09 -45.63
C ALA C 137 5.65 -26.77 -45.52
N ASP C 138 5.57 -26.25 -44.30
CA ASP C 138 4.92 -24.99 -44.05
C ASP C 138 5.93 -23.86 -44.22
N LEU C 139 5.48 -22.75 -44.82
CA LEU C 139 6.37 -21.63 -45.09
C LEU C 139 6.71 -20.82 -43.84
N GLY C 140 5.76 -20.71 -42.92
CA GLY C 140 5.99 -20.04 -41.65
C GLY C 140 4.95 -18.98 -41.36
N GLU C 141 4.94 -18.49 -40.12
CA GLU C 141 4.08 -17.38 -39.73
C GLU C 141 4.92 -16.14 -39.46
N LEU C 142 4.36 -14.97 -39.79
CA LEU C 142 5.07 -13.71 -39.60
C LEU C 142 4.26 -12.77 -38.72
N ASN C 143 4.91 -12.22 -37.70
CA ASN C 143 4.25 -11.30 -36.79
C ASN C 143 4.69 -9.86 -37.01
N PHE C 144 3.72 -8.95 -37.07
CA PHE C 144 4.01 -7.52 -37.25
C PHE C 144 2.87 -6.63 -36.77
N SER C 145 3.23 -5.42 -36.37
CA SER C 145 2.24 -4.42 -35.94
C SER C 145 1.77 -3.62 -37.14
N LEU C 146 0.98 -2.58 -36.89
CA LEU C 146 0.42 -1.77 -37.97
C LEU C 146 -0.20 -0.51 -37.37
N CYS C 147 0.41 0.64 -37.64
CA CYS C 147 0.00 1.87 -36.99
C CYS C 147 -0.02 3.05 -37.96
N TYR C 148 -1.19 3.67 -38.10
CA TYR C 148 -1.35 4.78 -39.03
C TYR C 148 -1.69 6.12 -38.34
N LEU C 149 -0.77 7.08 -38.44
CA LEU C 149 -1.05 8.42 -37.95
C LEU C 149 -1.69 9.24 -39.07
N PRO C 150 -3.02 9.46 -38.99
CA PRO C 150 -3.74 10.18 -40.04
C PRO C 150 -3.31 11.64 -40.08
N THR C 151 -3.04 12.20 -38.91
CA THR C 151 -2.62 13.58 -38.78
C THR C 151 -1.32 13.87 -39.51
N ALA C 152 -0.51 12.84 -39.71
CA ALA C 152 0.84 13.03 -40.27
C ALA C 152 1.09 12.16 -41.49
N GLY C 153 0.18 11.24 -41.76
CA GLY C 153 0.29 10.38 -42.92
C GLY C 153 1.38 9.33 -42.82
N LEU C 154 1.91 9.14 -41.61
CA LEU C 154 2.87 8.06 -41.37
C LEU C 154 2.12 6.75 -41.16
N LEU C 155 2.37 5.78 -42.03
CA LEU C 155 1.94 4.40 -41.79
C LEU C 155 3.18 3.56 -41.48
N THR C 156 3.16 2.87 -40.35
CA THR C 156 4.37 2.19 -39.87
C THR C 156 4.12 0.71 -39.61
N VAL C 157 4.89 -0.13 -40.29
CA VAL C 157 4.67 -1.58 -40.29
C VAL C 157 5.24 -2.29 -39.06
N THR C 158 6.55 -2.20 -38.87
CA THR C 158 7.20 -2.82 -37.71
C THR C 158 7.14 -4.35 -37.72
N ILE C 159 8.10 -4.95 -38.43
CA ILE C 159 8.23 -6.40 -38.46
C ILE C 159 8.75 -6.89 -37.11
N ILE C 160 7.98 -7.75 -36.44
CA ILE C 160 8.37 -8.24 -35.12
C ILE C 160 9.18 -9.54 -35.15
N LYS C 161 8.59 -10.59 -35.71
CA LYS C 161 9.25 -11.90 -35.72
C LYS C 161 8.58 -12.87 -36.68
N ALA C 162 9.18 -14.05 -36.82
CA ALA C 162 8.66 -15.09 -37.69
C ALA C 162 8.86 -16.45 -37.03
N SER C 163 7.96 -17.39 -37.34
CA SER C 163 8.00 -18.70 -36.71
C SER C 163 7.94 -19.80 -37.75
N ASN C 164 8.67 -20.89 -37.49
CA ASN C 164 8.61 -22.07 -38.33
C ASN C 164 8.80 -21.75 -39.82
N LEU C 165 9.64 -20.76 -40.10
CA LEU C 165 9.99 -20.45 -41.50
C LEU C 165 10.44 -21.72 -42.21
N LYS C 166 10.43 -21.68 -43.54
CA LYS C 166 10.92 -22.81 -44.32
C LYS C 166 12.42 -22.72 -44.51
N ALA C 167 13.12 -23.83 -44.27
CA ALA C 167 14.55 -23.88 -44.52
C ALA C 167 14.77 -23.74 -46.03
N MET C 168 15.71 -22.88 -46.42
CA MET C 168 15.88 -22.53 -47.81
C MET C 168 17.31 -22.76 -48.30
N ASP C 169 18.24 -22.91 -47.36
CA ASP C 169 19.63 -23.17 -47.71
C ASP C 169 19.99 -24.65 -47.48
N LEU C 170 21.01 -25.12 -48.20
CA LEU C 170 21.52 -26.47 -47.98
C LEU C 170 22.14 -26.59 -46.60
N THR C 171 22.68 -25.47 -46.11
CA THR C 171 23.32 -25.42 -44.80
C THR C 171 22.38 -25.94 -43.72
N GLY C 172 21.10 -25.62 -43.85
CA GLY C 172 20.10 -26.16 -42.94
C GLY C 172 19.00 -25.19 -42.56
N PHE C 173 19.20 -23.91 -42.87
CA PHE C 173 18.27 -22.89 -42.42
C PHE C 173 17.94 -21.88 -43.51
N SER C 174 17.81 -20.62 -43.10
CA SER C 174 17.55 -19.52 -44.00
C SER C 174 18.13 -18.26 -43.40
N ASP C 175 18.54 -17.32 -44.25
CA ASP C 175 19.04 -16.04 -43.80
C ASP C 175 18.00 -14.98 -44.13
N PRO C 176 16.91 -14.95 -43.35
CA PRO C 176 15.68 -14.23 -43.68
C PRO C 176 15.77 -12.72 -43.48
N TYR C 177 15.07 -12.01 -44.35
CA TYR C 177 14.78 -10.60 -44.15
C TYR C 177 13.36 -10.36 -44.64
N VAL C 178 12.81 -9.18 -44.40
CA VAL C 178 11.40 -8.97 -44.72
C VAL C 178 11.20 -7.77 -45.64
N LYS C 179 10.52 -8.02 -46.76
CA LYS C 179 10.23 -6.97 -47.73
C LYS C 179 8.77 -6.54 -47.67
N ALA C 180 8.51 -5.38 -47.10
CA ALA C 180 7.18 -4.79 -47.13
C ALA C 180 7.08 -3.85 -48.32
N SER C 181 6.01 -3.96 -49.09
CA SER C 181 5.85 -3.11 -50.26
C SER C 181 4.42 -2.63 -50.43
N LEU C 182 4.28 -1.30 -50.57
CA LEU C 182 2.97 -0.66 -50.66
C LEU C 182 2.26 -1.02 -51.97
N ILE C 183 0.98 -1.35 -51.86
CA ILE C 183 0.17 -1.78 -53.00
C ILE C 183 -1.13 -1.00 -53.06
N SER C 184 -1.44 -0.42 -54.21
CA SER C 184 -2.74 0.20 -54.41
C SER C 184 -3.23 -0.12 -55.81
N GLU C 185 -4.36 -0.83 -55.87
CA GLU C 185 -4.98 -1.19 -57.14
C GLU C 185 -4.00 -1.90 -58.07
N GLY C 186 -3.41 -2.98 -57.57
CA GLY C 186 -2.54 -3.83 -58.37
C GLY C 186 -1.15 -3.29 -58.63
N ARG C 187 -0.96 -1.99 -58.45
CA ARG C 187 0.35 -1.37 -58.67
C ARG C 187 1.22 -1.38 -57.42
N ARG C 188 2.49 -1.74 -57.59
CA ARG C 188 3.47 -1.67 -56.51
C ARG C 188 4.06 -0.26 -56.44
N LEU C 189 3.87 0.41 -55.31
CA LEU C 189 4.20 1.84 -55.20
C LEU C 189 5.52 2.15 -54.49
N LYS C 190 5.87 1.35 -53.49
CA LYS C 190 7.07 1.61 -52.68
C LYS C 190 7.45 0.39 -51.86
N LYS C 191 8.72 0.00 -51.94
CA LYS C 191 9.20 -1.12 -51.15
C LYS C 191 10.03 -0.66 -49.96
N ARG C 192 10.29 -1.57 -49.03
CA ARG C 192 11.09 -1.30 -47.84
C ARG C 192 11.55 -2.61 -47.21
N LYS C 193 12.86 -2.74 -46.99
CA LYS C 193 13.43 -3.98 -46.46
C LYS C 193 13.78 -3.87 -44.99
N THR C 194 14.04 -5.01 -44.35
CA THR C 194 14.52 -5.04 -42.97
C THR C 194 15.96 -5.57 -42.93
N SER C 195 16.49 -5.75 -41.73
CA SER C 195 17.79 -6.36 -41.54
C SER C 195 17.81 -7.78 -42.11
N ILE C 196 18.99 -8.35 -42.27
CA ILE C 196 19.13 -9.64 -42.93
C ILE C 196 19.49 -10.79 -41.99
N LYS C 197 18.90 -10.79 -40.79
CA LYS C 197 19.18 -11.82 -39.78
C LYS C 197 19.52 -13.18 -40.37
N LYS C 198 20.71 -13.69 -40.07
CA LYS C 198 21.22 -14.88 -40.75
C LYS C 198 21.18 -16.19 -39.97
N ASN C 199 20.98 -17.28 -40.72
CA ASN C 199 21.03 -18.64 -40.18
C ASN C 199 20.03 -18.95 -39.08
N THR C 200 18.77 -18.55 -39.31
CA THR C 200 17.70 -18.83 -38.36
C THR C 200 16.42 -19.13 -39.12
N LEU C 201 15.44 -19.68 -38.42
CA LEU C 201 14.14 -19.96 -39.02
C LEU C 201 13.06 -19.36 -38.14
N ASN C 202 13.48 -18.84 -36.99
CA ASN C 202 12.61 -18.07 -36.11
C ASN C 202 13.27 -16.74 -35.78
N PRO C 203 13.31 -15.83 -36.76
CA PRO C 203 13.98 -14.53 -36.63
C PRO C 203 13.19 -13.55 -35.78
N THR C 204 13.89 -12.59 -35.17
CA THR C 204 13.24 -11.50 -34.47
C THR C 204 13.82 -10.20 -34.98
N TYR C 205 12.93 -9.29 -35.40
CA TYR C 205 13.35 -8.06 -36.06
C TYR C 205 13.14 -6.81 -35.21
N ASN C 206 11.89 -6.57 -34.84
CA ASN C 206 11.52 -5.36 -34.10
C ASN C 206 11.95 -4.11 -34.83
N GLU C 207 11.99 -4.19 -36.16
CA GLU C 207 12.39 -3.07 -37.00
C GLU C 207 11.19 -2.43 -37.66
N ALA C 208 11.13 -1.09 -37.63
CA ALA C 208 9.99 -0.36 -38.17
C ALA C 208 10.20 0.05 -39.62
N LEU C 209 9.21 -0.27 -40.45
CA LEU C 209 9.22 0.19 -41.83
C LEU C 209 8.12 1.25 -41.98
N VAL C 210 8.46 2.37 -42.61
CA VAL C 210 7.54 3.51 -42.65
C VAL C 210 7.22 3.99 -44.05
N PHE C 211 5.99 4.42 -44.26
CA PHE C 211 5.51 4.83 -45.58
C PHE C 211 4.68 6.09 -45.45
N ASP C 212 4.91 7.04 -46.36
CA ASP C 212 4.10 8.24 -46.42
C ASP C 212 2.82 7.95 -47.20
N VAL C 213 1.68 8.08 -46.53
CA VAL C 213 0.38 7.80 -47.13
C VAL C 213 -0.65 8.80 -46.65
N ALA C 214 -1.23 9.55 -47.59
CA ALA C 214 -2.24 10.54 -47.24
C ALA C 214 -3.45 9.86 -46.61
N PRO C 215 -4.17 10.59 -45.73
CA PRO C 215 -5.37 10.07 -45.07
C PRO C 215 -6.51 9.80 -46.06
N GLU C 216 -6.55 10.58 -47.14
CA GLU C 216 -7.57 10.38 -48.16
C GLU C 216 -7.22 9.20 -49.06
N SER C 217 -6.23 8.42 -48.65
CA SER C 217 -5.69 7.38 -49.51
C SER C 217 -5.45 6.04 -48.83
N VAL C 218 -5.26 6.04 -47.51
CA VAL C 218 -5.05 4.78 -46.81
C VAL C 218 -6.10 3.77 -47.23
N GLU C 219 -7.37 4.15 -47.09
CA GLU C 219 -8.47 3.24 -47.43
C GLU C 219 -8.26 2.49 -48.74
N ASN C 220 -7.58 3.11 -49.71
CA ASN C 220 -7.38 2.53 -51.03
C ASN C 220 -5.99 1.92 -51.28
N VAL C 221 -5.09 2.09 -50.31
CA VAL C 221 -3.78 1.45 -50.39
C VAL C 221 -3.71 0.19 -49.51
N GLY C 222 -2.56 -0.48 -49.53
CA GLY C 222 -2.36 -1.70 -48.76
C GLY C 222 -0.93 -2.15 -48.93
N LEU C 223 -0.55 -3.27 -48.31
CA LEU C 223 0.83 -3.72 -48.45
C LEU C 223 1.02 -5.23 -48.49
N SER C 224 1.99 -5.66 -49.28
CA SER C 224 2.38 -7.06 -49.42
C SER C 224 3.71 -7.32 -48.73
N ILE C 225 3.65 -7.98 -47.58
CA ILE C 225 4.85 -8.36 -46.84
C ILE C 225 5.31 -9.72 -47.32
N ALA C 226 6.62 -9.91 -47.42
CA ALA C 226 7.17 -11.19 -47.86
C ALA C 226 8.51 -11.50 -47.19
N VAL C 227 8.57 -12.63 -46.49
CA VAL C 227 9.83 -13.08 -45.90
C VAL C 227 10.72 -13.68 -46.99
N VAL C 228 11.98 -13.26 -47.03
CA VAL C 228 12.88 -13.70 -48.09
C VAL C 228 14.18 -14.24 -47.53
N ASP C 229 14.63 -15.37 -48.04
CA ASP C 229 15.94 -15.90 -47.69
C ASP C 229 16.98 -15.16 -48.51
N TYR C 230 17.94 -14.54 -47.82
CA TYR C 230 19.05 -13.92 -48.51
C TYR C 230 19.86 -15.04 -49.10
N ASP C 231 20.65 -14.74 -50.13
CA ASP C 231 21.58 -15.73 -50.67
C ASP C 231 22.86 -15.05 -51.15
N CYS C 232 22.71 -13.98 -51.92
CA CYS C 232 23.86 -13.16 -52.31
C CYS C 232 23.50 -12.05 -53.28
N ILE C 233 24.49 -11.20 -53.55
CA ILE C 233 24.48 -10.23 -54.65
C ILE C 233 23.10 -9.78 -55.15
N GLY C 234 22.36 -10.71 -55.74
CA GLY C 234 21.02 -10.44 -56.24
C GLY C 234 20.23 -11.71 -56.51
N HIS C 235 20.60 -12.78 -55.82
CA HIS C 235 19.97 -14.08 -56.03
C HIS C 235 19.08 -14.54 -54.89
N ASN C 236 18.56 -13.60 -54.11
CA ASN C 236 17.70 -13.95 -52.98
C ASN C 236 16.45 -14.71 -53.41
N GLU C 237 16.11 -15.75 -52.66
CA GLU C 237 14.93 -16.56 -52.95
C GLU C 237 13.85 -16.42 -51.88
N VAL C 238 12.62 -16.17 -52.32
CA VAL C 238 11.51 -15.90 -51.41
C VAL C 238 11.08 -17.14 -50.63
N ILE C 239 10.76 -16.94 -49.35
CA ILE C 239 10.24 -18.01 -48.51
C ILE C 239 8.71 -18.05 -48.54
N GLY C 240 8.09 -16.90 -48.25
CA GLY C 240 6.64 -16.80 -48.21
C GLY C 240 6.16 -15.37 -48.27
N VAL C 241 4.84 -15.20 -48.46
CA VAL C 241 4.25 -13.88 -48.59
C VAL C 241 2.96 -13.78 -47.80
N CYS C 242 2.47 -12.55 -47.60
CA CYS C 242 1.16 -12.32 -47.02
C CYS C 242 0.63 -10.94 -47.37
N ARG C 243 -0.67 -10.86 -47.65
CA ARG C 243 -1.32 -9.60 -47.97
C ARG C 243 -1.97 -8.97 -46.76
N VAL C 244 -2.14 -7.65 -46.81
CA VAL C 244 -2.84 -6.93 -45.77
C VAL C 244 -3.34 -5.60 -46.35
N GLY C 245 -4.63 -5.34 -46.19
CA GLY C 245 -5.25 -4.18 -46.79
C GLY C 245 -6.57 -4.59 -47.42
N PRO C 246 -7.31 -3.63 -48.02
CA PRO C 246 -8.50 -4.07 -48.74
C PRO C 246 -7.99 -4.85 -49.94
N GLU C 247 -8.89 -5.47 -50.70
CA GLU C 247 -8.47 -6.20 -51.89
C GLU C 247 -7.47 -7.29 -51.48
N ALA C 248 -7.64 -7.78 -50.25
CA ALA C 248 -6.81 -8.86 -49.75
C ALA C 248 -7.59 -10.18 -49.70
N ALA C 249 -6.99 -11.23 -50.22
CA ALA C 249 -7.64 -12.53 -50.28
C ALA C 249 -8.24 -12.92 -48.93
N ASP C 250 -7.37 -13.10 -47.95
CA ASP C 250 -7.77 -13.59 -46.63
C ASP C 250 -8.46 -12.51 -45.81
N PRO C 251 -9.68 -12.79 -45.33
CA PRO C 251 -10.40 -11.88 -44.44
C PRO C 251 -9.49 -11.36 -43.33
N HIS C 252 -8.76 -12.27 -42.69
CA HIS C 252 -7.84 -11.92 -41.62
C HIS C 252 -6.84 -10.87 -42.09
N GLY C 253 -6.51 -10.92 -43.38
CA GLY C 253 -5.58 -9.96 -43.97
C GLY C 253 -6.13 -8.55 -43.98
N ARG C 254 -7.39 -8.40 -44.38
CA ARG C 254 -8.00 -7.08 -44.47
C ARG C 254 -8.67 -6.64 -43.18
N GLU C 255 -8.95 -7.58 -42.27
CA GLU C 255 -9.48 -7.21 -40.97
C GLU C 255 -8.40 -6.49 -40.17
N HIS C 256 -7.15 -6.85 -40.47
CA HIS C 256 -5.98 -6.28 -39.80
C HIS C 256 -5.75 -4.84 -40.25
N TRP C 257 -5.92 -4.59 -41.54
CA TRP C 257 -5.80 -3.24 -42.08
C TRP C 257 -7.04 -2.46 -41.67
N ALA C 258 -8.16 -3.17 -41.54
CA ALA C 258 -9.42 -2.56 -41.19
C ALA C 258 -9.35 -1.98 -39.78
N GLU C 259 -8.72 -2.71 -38.87
CA GLU C 259 -8.61 -2.26 -37.49
C GLU C 259 -7.37 -1.40 -37.26
N MET C 260 -6.53 -1.26 -38.28
CA MET C 260 -5.42 -0.32 -38.21
C MET C 260 -5.99 1.07 -38.26
N LEU C 261 -6.85 1.32 -39.25
CA LEU C 261 -7.75 2.46 -39.20
C LEU C 261 -8.73 2.11 -38.10
N ALA C 262 -9.48 3.10 -37.61
CA ALA C 262 -10.41 2.89 -36.50
C ALA C 262 -9.70 2.84 -35.15
N ASN C 263 -8.38 2.73 -35.19
CA ASN C 263 -7.54 2.84 -33.99
C ASN C 263 -6.30 3.63 -34.35
N PRO C 264 -6.49 4.89 -34.76
CA PRO C 264 -5.49 5.74 -35.40
C PRO C 264 -4.08 5.49 -34.90
N ARG C 265 -3.75 6.07 -33.76
CA ARG C 265 -2.37 6.09 -33.28
C ARG C 265 -2.04 4.88 -32.41
N LYS C 266 -2.75 3.78 -32.64
CA LYS C 266 -2.49 2.53 -31.93
C LYS C 266 -1.94 1.48 -32.87
N PRO C 267 -0.77 0.90 -32.54
CA PRO C 267 -0.23 -0.23 -33.29
C PRO C 267 -1.04 -1.49 -33.03
N VAL C 268 -1.44 -2.19 -34.09
CA VAL C 268 -2.15 -3.44 -33.92
C VAL C 268 -1.29 -4.64 -34.31
N GLU C 269 -1.03 -5.51 -33.34
CA GLU C 269 -0.23 -6.71 -33.57
C GLU C 269 -1.13 -7.83 -34.10
N HIS C 270 -0.59 -8.64 -35.00
CA HIS C 270 -1.34 -9.79 -35.52
C HIS C 270 -0.39 -10.76 -36.21
N TRP C 271 -0.69 -12.05 -36.08
CA TRP C 271 0.05 -13.07 -36.82
C TRP C 271 -0.61 -13.29 -38.17
N HIS C 272 0.19 -13.64 -39.18
CA HIS C 272 -0.34 -13.96 -40.51
C HIS C 272 0.36 -15.21 -41.03
N GLN C 273 -0.37 -16.01 -41.80
CA GLN C 273 0.21 -17.18 -42.44
C GLN C 273 0.94 -16.80 -43.73
N LEU C 274 2.21 -17.16 -43.82
CA LEU C 274 2.95 -16.97 -45.06
C LEU C 274 2.44 -17.98 -46.08
N VAL C 275 2.18 -17.51 -47.30
CA VAL C 275 1.56 -18.34 -48.32
C VAL C 275 2.40 -18.29 -49.59
N GLU C 276 2.28 -19.32 -50.42
CA GLU C 276 3.01 -19.39 -51.68
C GLU C 276 2.73 -18.16 -52.54
N GLU C 277 3.80 -17.64 -53.14
CA GLU C 277 3.73 -16.42 -53.94
C GLU C 277 2.68 -16.50 -55.05
N LYS C 278 2.51 -17.70 -55.60
CA LYS C 278 1.60 -17.90 -56.73
C LYS C 278 0.15 -18.21 -56.34
N THR C 279 -0.41 -17.42 -55.43
CA THR C 279 -1.83 -17.52 -55.10
C THR C 279 -2.42 -16.10 -55.00
N LEU C 280 -1.59 -15.12 -55.37
CA LEU C 280 -1.99 -13.73 -55.50
C LEU C 280 -1.32 -13.23 -56.77
N SER C 281 -1.53 -11.96 -57.14
CA SER C 281 -0.87 -11.42 -58.33
C SER C 281 -0.96 -9.91 -58.49
N SER C 282 0.16 -9.21 -58.23
CA SER C 282 0.23 -7.76 -58.41
C SER C 282 0.49 -7.41 -59.87
#